data_6ADG
#
_entry.id   6ADG
#
_cell.length_a   87.965
_cell.length_b   197.253
_cell.length_c   85.828
_cell.angle_alpha   90.00
_cell.angle_beta   90.00
_cell.angle_gamma   90.00
#
_symmetry.space_group_name_H-M   'P 21 21 2'
#
loop_
_entity.id
_entity.type
_entity.pdbx_description
1 polymer 'Isocitrate dehydrogenase [NADP] cytoplasmic'
2 non-polymer 'NADPH DIHYDRO-NICOTINAMIDE-ADENINE-DINUCLEOTIDE PHOSPHATE'
3 non-polymer 'MAGNESIUM ION'
4 non-polymer 6-(6-chloropyridin-2-yl)-N2,N4-bis[(2R)-1,1,1-trifluoropropan-2-yl]-1,3,5-triazine-2,4-diamine
5 water water
#
_entity_poly.entity_id   1
_entity_poly.type   'polypeptide(L)'
_entity_poly.pdbx_seq_one_letter_code
;MSKKISGGSVVEMQGDEMTRIIWELIKEKLIFPYVELDLHSYDLGIENRDATNDQVTKDAAEAIKKHNVGVKCATITPDE
KRVEEFKLKQMWKSPNGTIRNILGGTVFREAIICKNIPRLVSGWVKPIIIGHHAYGDQYRATDFVVPGPGKVEITYTPSD
GTQKVTYLVHNFEEGGGVAMGMYNQDKSIEDFAHSSFQMALSKGWPLYLSTKNTILKKYDGRFKDIFQEIYDKQYKSQFE
AQKIWYEHRLIDDMVAQAMKSEGGFIWACKNYDGDVQSDSVAQGYGSLGMMTSVLVCPDGKTVEAEAAHGTVTRHYRMYQ
KGQETSTNPIASIFAWTRGLAHRAKLDNNKELAFFANALEEVSIETIEAGFMTKDLAACIKGLPNVQRSDYLNTFEFMDK
LGENLKIKLAQAKLSLEHHHHHHHH
;
_entity_poly.pdbx_strand_id   A,B,C
#
loop_
_chem_comp.id
_chem_comp.type
_chem_comp.name
_chem_comp.formula
9UO non-polymer 6-(6-chloropyridin-2-yl)-N2,N4-bis[(2R)-1,1,1-trifluoropropan-2-yl]-1,3,5-triazine-2,4-diamine 'C14 H13 Cl F6 N6'
MG non-polymer 'MAGNESIUM ION' 'Mg 2'
NDP non-polymer 'NADPH DIHYDRO-NICOTINAMIDE-ADENINE-DINUCLEOTIDE PHOSPHATE' 'C21 H30 N7 O17 P3'
#
# COMPACT_ATOMS: atom_id res chain seq x y z
N LYS A 3 -2.85 -37.05 34.85
CA LYS A 3 -3.19 -36.71 33.49
C LYS A 3 -2.70 -35.30 33.17
N LYS A 4 -2.74 -34.43 34.17
CA LYS A 4 -2.27 -33.07 34.01
C LYS A 4 -0.75 -33.00 33.87
N ILE A 5 -0.28 -32.05 33.07
CA ILE A 5 1.14 -31.78 32.92
C ILE A 5 1.67 -31.18 34.21
N SER A 6 2.92 -31.45 34.55
CA SER A 6 3.51 -30.85 35.73
C SER A 6 4.15 -29.53 35.34
N GLY A 7 3.51 -28.44 35.73
CA GLY A 7 3.89 -27.10 35.35
C GLY A 7 5.20 -26.54 35.83
N GLY A 8 5.55 -26.81 37.08
CA GLY A 8 6.67 -26.13 37.70
C GLY A 8 6.21 -24.86 38.38
N SER A 9 7.16 -23.98 38.72
CA SER A 9 6.86 -22.79 39.49
C SER A 9 6.71 -21.55 38.62
N VAL A 10 5.55 -20.91 38.72
CA VAL A 10 5.25 -19.71 37.98
C VAL A 10 4.66 -18.68 38.95
N VAL A 11 4.94 -17.41 38.70
CA VAL A 11 4.38 -16.35 39.52
C VAL A 11 3.30 -15.68 38.72
N GLU A 12 2.12 -15.56 39.32
CA GLU A 12 0.95 -15.02 38.64
C GLU A 12 0.52 -13.73 39.30
N MET A 13 0.27 -12.72 38.49
CA MET A 13 -0.27 -11.47 39.02
C MET A 13 -1.62 -11.14 38.42
N GLN A 14 -2.61 -10.97 39.28
CA GLN A 14 -3.95 -10.59 38.88
C GLN A 14 -4.05 -9.11 38.53
N GLY A 15 -4.95 -8.78 37.62
CA GLY A 15 -5.03 -7.45 37.02
C GLY A 15 -6.32 -6.70 37.26
N ASP A 16 -6.60 -5.75 36.39
CA ASP A 16 -7.77 -4.87 36.53
C ASP A 16 -8.75 -4.95 35.38
N GLU A 17 -10.00 -4.62 35.68
CA GLU A 17 -11.05 -4.39 34.68
C GLU A 17 -11.34 -5.53 33.72
N MET A 18 -11.40 -5.23 32.43
CA MET A 18 -11.77 -6.23 31.43
C MET A 18 -10.78 -7.37 31.32
N THR A 19 -9.50 -7.05 31.39
CA THR A 19 -8.46 -8.04 31.24
C THR A 19 -8.56 -9.07 32.35
N ARG A 20 -8.90 -8.59 33.54
CA ARG A 20 -9.04 -9.46 34.70
C ARG A 20 -10.15 -10.48 34.53
N ILE A 21 -11.25 -10.08 33.92
CA ILE A 21 -12.34 -11.01 33.69
C ILE A 21 -11.87 -12.13 32.77
N ILE A 22 -11.17 -11.75 31.71
CA ILE A 22 -10.60 -12.70 30.79
C ILE A 22 -9.53 -13.57 31.44
N TRP A 23 -8.74 -12.98 32.31
CA TRP A 23 -7.61 -13.67 32.90
C TRP A 23 -8.08 -14.88 33.68
N GLU A 24 -9.12 -14.71 34.47
CA GLU A 24 -9.67 -15.83 35.20
C GLU A 24 -10.24 -16.87 34.26
N LEU A 25 -10.89 -16.41 33.20
CA LEU A 25 -11.45 -17.30 32.19
C LEU A 25 -10.38 -18.12 31.50
N ILE A 26 -9.27 -17.48 31.15
CA ILE A 26 -8.19 -18.17 30.48
C ILE A 26 -7.61 -19.25 31.36
N LYS A 27 -7.37 -18.94 32.63
CA LYS A 27 -6.86 -19.93 33.56
C LYS A 27 -7.83 -21.07 33.80
N GLU A 28 -9.10 -20.75 33.99
CA GLU A 28 -10.08 -21.76 34.29
C GLU A 28 -10.31 -22.73 33.13
N LYS A 29 -10.38 -22.22 31.92
CA LYS A 29 -10.63 -23.09 30.77
C LYS A 29 -9.41 -23.50 29.98
N LEU A 30 -8.59 -22.51 29.63
CA LEU A 30 -7.38 -22.76 28.85
C LEU A 30 -6.23 -23.51 29.53
N ILE A 31 -5.94 -23.18 30.79
CA ILE A 31 -4.72 -23.67 31.41
C ILE A 31 -4.86 -24.74 32.49
N PHE A 32 -5.70 -24.49 33.47
CA PHE A 32 -5.72 -25.33 34.66
C PHE A 32 -6.07 -26.77 34.37
N PRO A 33 -6.99 -26.98 33.44
CA PRO A 33 -7.42 -28.34 33.14
C PRO A 33 -6.28 -29.22 32.69
N TYR A 34 -5.39 -28.69 31.86
CA TYR A 34 -4.30 -29.50 31.31
C TYR A 34 -2.94 -29.31 31.96
N VAL A 35 -2.85 -28.38 32.91
CA VAL A 35 -1.58 -28.07 33.52
C VAL A 35 -1.65 -27.92 35.03
N GLU A 36 -0.63 -28.41 35.71
CA GLU A 36 -0.53 -28.29 37.15
C GLU A 36 0.68 -27.44 37.48
N LEU A 37 0.47 -26.39 38.27
CA LEU A 37 1.53 -25.45 38.51
C LEU A 37 1.70 -25.15 39.98
N ASP A 38 2.92 -24.79 40.37
CA ASP A 38 3.14 -24.29 41.70
C ASP A 38 3.01 -22.80 41.54
N LEU A 39 1.93 -22.27 42.07
CA LEU A 39 1.52 -20.93 41.73
C LEU A 39 1.69 -19.97 42.88
N HIS A 40 2.40 -18.88 42.62
CA HIS A 40 2.49 -17.81 43.56
C HIS A 40 1.67 -16.71 42.94
N SER A 41 0.59 -16.35 43.62
CA SER A 41 -0.41 -15.48 43.04
C SER A 41 -0.46 -14.19 43.82
N TYR A 42 -0.39 -13.09 43.10
CA TYR A 42 -0.47 -11.79 43.71
C TYR A 42 -1.59 -11.02 43.06
N ASP A 43 -2.36 -10.30 43.86
CA ASP A 43 -3.43 -9.51 43.31
C ASP A 43 -2.88 -8.12 43.07
N LEU A 44 -2.77 -7.78 41.79
CA LEU A 44 -2.23 -6.50 41.38
C LEU A 44 -3.38 -5.60 41.03
N GLY A 45 -4.57 -6.03 41.40
CA GLY A 45 -5.77 -5.25 41.21
C GLY A 45 -5.63 -4.00 42.01
N ILE A 46 -6.20 -2.91 41.49
CA ILE A 46 -5.95 -1.59 42.04
C ILE A 46 -6.37 -1.47 43.51
N GLU A 47 -7.49 -2.08 43.87
CA GLU A 47 -7.92 -2.01 45.26
C GLU A 47 -6.92 -2.68 46.18
N ASN A 48 -6.42 -3.85 45.78
CA ASN A 48 -5.43 -4.55 46.58
C ASN A 48 -4.13 -3.78 46.67
N ARG A 49 -3.74 -3.15 45.57
CA ARG A 49 -2.53 -2.35 45.56
C ARG A 49 -2.73 -1.20 46.53
N ASP A 50 -3.93 -0.63 46.52
CA ASP A 50 -4.23 0.46 47.43
C ASP A 50 -4.17 0.03 48.89
N ALA A 51 -4.73 -1.14 49.17
CA ALA A 51 -4.74 -1.66 50.52
C ALA A 51 -3.34 -1.95 51.03
N THR A 52 -2.53 -2.53 50.16
CA THR A 52 -1.20 -2.98 50.53
C THR A 52 -0.19 -1.86 50.45
N ASN A 53 -0.59 -0.72 49.90
CA ASN A 53 0.32 0.38 49.75
C ASN A 53 1.28 0.13 48.60
N ASP A 54 0.90 -0.79 47.72
CA ASP A 54 1.74 -1.17 46.61
C ASP A 54 2.79 -2.16 47.09
N GLN A 55 2.63 -2.65 48.30
CA GLN A 55 3.53 -3.66 48.83
C GLN A 55 3.43 -4.93 47.99
N VAL A 56 2.22 -5.28 47.60
CA VAL A 56 1.99 -6.51 46.87
C VAL A 56 2.74 -6.50 45.56
N THR A 57 2.78 -5.36 44.91
CA THR A 57 3.46 -5.24 43.63
C THR A 57 4.93 -5.55 43.79
N LYS A 58 5.53 -4.98 44.83
CA LYS A 58 6.94 -5.22 45.11
C LYS A 58 7.22 -6.67 45.48
N ASP A 59 6.35 -7.27 46.26
CA ASP A 59 6.50 -8.65 46.66
C ASP A 59 6.43 -9.54 45.43
N ALA A 60 5.53 -9.22 44.53
CA ALA A 60 5.35 -9.97 43.31
C ALA A 60 6.60 -9.90 42.43
N ALA A 61 7.19 -8.73 42.34
CA ALA A 61 8.39 -8.54 41.56
C ALA A 61 9.56 -9.35 42.11
N GLU A 62 9.68 -9.37 43.42
CA GLU A 62 10.72 -10.14 44.09
C GLU A 62 10.54 -11.63 43.84
N ALA A 63 9.29 -12.08 43.85
CA ALA A 63 8.96 -13.48 43.63
C ALA A 63 9.39 -13.94 42.24
N ILE A 64 9.22 -13.07 41.25
CA ILE A 64 9.61 -13.38 39.89
C ILE A 64 11.11 -13.62 39.82
N LYS A 65 11.87 -12.82 40.58
CA LYS A 65 13.31 -12.97 40.63
C LYS A 65 13.66 -14.33 41.18
N LYS A 66 12.95 -14.76 42.21
CA LYS A 66 13.19 -16.05 42.82
C LYS A 66 12.89 -17.23 41.89
N HIS A 67 11.77 -17.15 41.18
CA HIS A 67 11.34 -18.25 40.32
C HIS A 67 11.69 -18.11 38.84
N ASN A 68 11.88 -16.87 38.41
CA ASN A 68 12.38 -16.58 37.07
C ASN A 68 11.28 -16.52 36.01
N VAL A 69 10.06 -16.86 36.37
CA VAL A 69 8.96 -16.79 35.42
C VAL A 69 7.77 -16.02 35.97
N GLY A 70 7.31 -15.03 35.21
CA GLY A 70 6.14 -14.26 35.60
C GLY A 70 5.09 -14.16 34.51
N VAL A 71 3.83 -14.39 34.87
CA VAL A 71 2.71 -14.13 33.98
C VAL A 71 1.90 -13.02 34.61
N LYS A 72 1.64 -11.97 33.85
CA LYS A 72 1.02 -10.79 34.42
C LYS A 72 -0.19 -10.36 33.62
N CYS A 73 -1.13 -9.76 34.33
CA CYS A 73 -2.34 -9.26 33.75
C CYS A 73 -2.26 -7.76 33.72
N ALA A 74 -2.89 -7.14 32.73
CA ALA A 74 -2.83 -5.69 32.61
C ALA A 74 -3.46 -5.02 33.82
N THR A 75 -2.88 -3.91 34.22
CA THR A 75 -3.21 -3.27 35.47
C THR A 75 -3.55 -1.82 35.24
N ILE A 76 -4.40 -1.26 36.09
CA ILE A 76 -4.67 0.16 36.05
C ILE A 76 -3.42 0.88 36.53
N THR A 77 -3.05 1.95 35.83
CA THR A 77 -1.95 2.77 36.29
C THR A 77 -2.58 4.05 36.80
N PRO A 78 -2.33 4.35 38.06
CA PRO A 78 -3.06 5.43 38.73
C PRO A 78 -2.78 6.78 38.10
N ASP A 79 -3.84 7.55 38.00
CA ASP A 79 -3.81 8.90 37.48
C ASP A 79 -4.89 9.65 38.24
N GLU A 80 -4.95 10.96 38.10
CA GLU A 80 -5.76 11.76 38.97
C GLU A 80 -7.23 11.33 38.93
N LYS A 81 -7.73 11.02 37.74
CA LYS A 81 -9.10 10.55 37.61
C LYS A 81 -9.28 9.24 38.35
N ARG A 82 -8.30 8.36 38.24
CA ARG A 82 -8.32 7.07 38.92
C ARG A 82 -8.32 7.22 40.43
N VAL A 83 -7.53 8.17 40.92
CA VAL A 83 -7.41 8.37 42.35
C VAL A 83 -8.76 8.77 42.91
N GLU A 84 -9.45 9.64 42.17
CA GLU A 84 -10.80 10.05 42.50
C GLU A 84 -11.78 8.87 42.42
N GLU A 85 -11.62 8.05 41.39
CA GLU A 85 -12.49 6.90 41.17
C GLU A 85 -12.40 5.83 42.26
N PHE A 86 -11.18 5.53 42.69
CA PHE A 86 -10.99 4.45 43.65
C PHE A 86 -10.78 4.89 45.09
N LYS A 87 -10.74 6.21 45.31
CA LYS A 87 -10.48 6.72 46.64
C LYS A 87 -9.13 6.20 47.13
N LEU A 88 -8.16 6.17 46.23
CA LEU A 88 -6.85 5.63 46.51
C LEU A 88 -6.16 6.45 47.58
N LYS A 89 -5.37 5.79 48.42
CA LYS A 89 -4.59 6.49 49.43
C LYS A 89 -3.60 7.42 48.76
N GLN A 90 -2.98 6.92 47.71
CA GLN A 90 -1.95 7.66 46.99
C GLN A 90 -2.05 7.37 45.51
N MET A 91 -1.45 8.22 44.70
CA MET A 91 -1.39 7.96 43.28
C MET A 91 -0.17 7.08 43.08
N TRP A 92 -0.42 5.77 43.06
CA TRP A 92 0.63 4.78 43.01
C TRP A 92 1.34 4.74 41.68
N LYS A 93 2.61 4.36 41.71
CA LYS A 93 3.40 4.21 40.51
C LYS A 93 2.90 2.99 39.75
N SER A 94 3.15 2.98 38.44
CA SER A 94 2.71 1.91 37.59
C SER A 94 3.37 0.61 38.00
N PRO A 95 2.59 -0.46 38.02
CA PRO A 95 3.11 -1.77 38.39
C PRO A 95 4.18 -2.22 37.41
N ASN A 96 3.99 -1.95 36.13
CA ASN A 96 5.00 -2.32 35.16
C ASN A 96 6.28 -1.57 35.45
N GLY A 97 6.15 -0.30 35.77
CA GLY A 97 7.33 0.50 36.01
C GLY A 97 8.08 -0.01 37.21
N THR A 98 7.36 -0.34 38.28
CA THR A 98 7.99 -0.85 39.47
C THR A 98 8.66 -2.20 39.26
N ILE A 99 7.97 -3.10 38.57
CA ILE A 99 8.51 -4.44 38.33
C ILE A 99 9.73 -4.41 37.44
N ARG A 100 9.70 -3.56 36.42
CA ARG A 100 10.83 -3.43 35.51
C ARG A 100 12.01 -2.93 36.30
N ASN A 101 11.75 -1.99 37.21
CA ASN A 101 12.80 -1.37 37.98
C ASN A 101 13.53 -2.40 38.81
N ILE A 102 12.76 -3.25 39.49
CA ILE A 102 13.34 -4.26 40.36
C ILE A 102 14.10 -5.35 39.61
N LEU A 103 13.47 -5.84 38.56
CA LEU A 103 14.03 -6.89 37.71
C LEU A 103 15.20 -6.47 36.87
N GLY A 104 15.14 -5.25 36.36
CA GLY A 104 16.05 -4.83 35.32
C GLY A 104 15.53 -5.48 34.06
N GLY A 105 16.35 -5.51 33.03
CA GLY A 105 15.93 -6.15 31.79
C GLY A 105 15.13 -5.27 30.86
N THR A 106 14.80 -5.84 29.70
CA THR A 106 14.25 -5.07 28.60
C THR A 106 12.97 -5.70 28.09
N VAL A 107 12.07 -4.87 27.60
CA VAL A 107 10.75 -5.32 27.18
C VAL A 107 10.67 -5.42 25.67
N PHE A 108 10.24 -6.58 25.19
CA PHE A 108 10.12 -6.84 23.77
C PHE A 108 8.68 -7.08 23.41
N ARG A 109 8.19 -6.36 22.40
CA ARG A 109 6.80 -6.47 22.02
C ARG A 109 6.66 -6.99 20.60
N GLU A 110 5.87 -8.05 20.47
CA GLU A 110 5.65 -8.70 19.19
C GLU A 110 4.17 -8.96 19.03
N ALA A 111 3.70 -8.95 17.78
CA ALA A 111 2.28 -9.12 17.50
C ALA A 111 2.03 -10.44 16.84
N ILE A 112 1.01 -11.13 17.30
CA ILE A 112 0.61 -12.39 16.69
C ILE A 112 0.03 -12.14 15.30
N ILE A 113 0.37 -13.00 14.36
CA ILE A 113 -0.06 -12.83 12.98
C ILE A 113 -0.95 -13.96 12.54
N CYS A 114 -2.09 -13.61 11.95
CA CYS A 114 -3.02 -14.57 11.42
C CYS A 114 -3.13 -14.35 9.93
N LYS A 115 -3.11 -15.44 9.17
CA LYS A 115 -3.05 -15.34 7.71
C LYS A 115 -4.25 -14.64 7.09
N ASN A 116 -5.45 -14.91 7.61
CA ASN A 116 -6.67 -14.25 7.15
C ASN A 116 -6.76 -12.74 7.43
N ILE A 117 -6.20 -12.30 8.55
CA ILE A 117 -6.29 -10.90 8.93
C ILE A 117 -5.35 -10.01 8.15
N PRO A 118 -5.91 -8.95 7.56
CA PRO A 118 -5.14 -7.98 6.78
C PRO A 118 -4.37 -6.98 7.63
N ARG A 119 -3.34 -6.40 7.06
CA ARG A 119 -2.47 -5.49 7.78
C ARG A 119 -2.36 -4.17 7.07
N LEU A 120 -2.06 -3.11 7.82
CA LEU A 120 -1.86 -1.80 7.22
C LEU A 120 -0.68 -1.90 6.28
N VAL A 121 0.35 -2.60 6.71
CA VAL A 121 1.42 -2.97 5.82
C VAL A 121 1.18 -4.41 5.41
N SER A 122 0.78 -4.62 4.17
CA SER A 122 0.43 -5.93 3.65
C SER A 122 1.63 -6.85 3.68
N GLY A 123 2.79 -6.28 3.40
CA GLY A 123 4.03 -7.00 3.25
C GLY A 123 4.53 -7.72 4.48
N TRP A 124 4.07 -7.29 5.65
CA TRP A 124 4.61 -7.78 6.90
C TRP A 124 4.02 -9.12 7.28
N VAL A 125 4.54 -10.19 6.68
CA VAL A 125 4.07 -11.54 6.96
C VAL A 125 4.87 -12.27 8.04
N LYS A 126 5.89 -11.63 8.56
CA LYS A 126 6.72 -12.22 9.59
C LYS A 126 6.77 -11.25 10.76
N PRO A 127 7.04 -11.76 11.95
CA PRO A 127 7.06 -10.92 13.15
C PRO A 127 8.17 -9.90 13.12
N ILE A 128 7.86 -8.68 13.55
CA ILE A 128 8.88 -7.69 13.84
C ILE A 128 8.78 -7.46 15.32
N ILE A 129 9.89 -7.63 16.03
CA ILE A 129 9.87 -7.55 17.47
C ILE A 129 10.64 -6.34 17.94
N ILE A 130 10.01 -5.52 18.76
CA ILE A 130 10.62 -4.30 19.22
C ILE A 130 11.12 -4.43 20.64
N GLY A 131 12.39 -4.13 20.84
CA GLY A 131 13.00 -4.17 22.14
C GLY A 131 13.20 -2.74 22.57
N HIS A 132 12.72 -2.41 23.76
CA HIS A 132 12.67 -1.03 24.16
C HIS A 132 13.57 -0.76 25.36
N HIS A 133 14.45 0.23 25.20
CA HIS A 133 15.33 0.63 26.28
C HIS A 133 14.62 1.73 27.05
N ALA A 134 14.12 1.38 28.24
CA ALA A 134 13.25 2.25 29.01
C ALA A 134 13.95 3.12 30.03
N TYR A 135 15.27 3.03 30.13
CA TYR A 135 16.02 3.95 30.95
C TYR A 135 16.32 5.02 29.96
N GLY A 136 15.78 6.20 30.22
CA GLY A 136 15.58 7.16 29.18
C GLY A 136 16.51 8.32 29.17
N ASP A 137 17.12 8.58 28.01
CA ASP A 137 17.85 9.80 27.78
C ASP A 137 16.92 11.00 27.79
N GLN A 138 15.81 10.85 27.09
CA GLN A 138 14.67 11.78 27.11
C GLN A 138 13.78 11.73 28.35
N TYR A 139 13.54 10.52 28.84
CA TYR A 139 12.53 10.30 29.87
C TYR A 139 13.03 10.51 31.29
N ARG A 140 14.33 10.77 31.40
CA ARG A 140 14.93 11.21 32.64
C ARG A 140 15.74 12.42 32.24
N ALA A 141 15.07 13.51 31.92
CA ALA A 141 15.72 14.65 31.33
C ALA A 141 15.45 15.92 32.10
N THR A 142 16.45 16.79 32.09
CA THR A 142 16.34 18.07 32.74
C THR A 142 16.06 19.09 31.66
N ASP A 143 14.82 19.57 31.59
CA ASP A 143 14.43 20.49 30.53
C ASP A 143 13.82 21.77 31.07
N PHE A 144 14.17 22.88 30.47
CA PHE A 144 13.69 24.16 30.93
C PHE A 144 13.47 25.18 29.82
N VAL A 145 12.59 26.13 30.06
CA VAL A 145 12.44 27.28 29.20
C VAL A 145 13.58 28.25 29.43
N VAL A 146 14.04 28.92 28.38
CA VAL A 146 14.99 30.00 28.54
C VAL A 146 14.29 31.33 28.26
N PRO A 147 14.05 32.09 29.33
CA PRO A 147 13.28 33.33 29.30
C PRO A 147 13.85 34.51 28.53
N GLY A 148 15.15 34.69 28.61
CA GLY A 148 15.79 35.89 28.10
C GLY A 148 17.23 35.57 27.79
N PRO A 149 17.92 36.51 27.17
CA PRO A 149 19.29 36.22 26.72
C PRO A 149 20.15 35.80 27.90
N GLY A 150 20.90 34.74 27.70
CA GLY A 150 21.69 34.12 28.73
C GLY A 150 22.60 33.13 28.06
N LYS A 151 23.51 32.53 28.82
CA LYS A 151 24.32 31.47 28.27
C LYS A 151 24.05 30.14 28.99
N VAL A 152 23.82 29.10 28.21
CA VAL A 152 23.60 27.78 28.75
C VAL A 152 24.87 26.96 28.59
N GLU A 153 25.31 26.35 29.68
CA GLU A 153 26.52 25.52 29.68
C GLU A 153 26.24 24.17 30.30
N ILE A 154 26.97 23.16 29.85
CA ILE A 154 26.90 21.86 30.47
C ILE A 154 28.28 21.55 31.03
N THR A 155 28.33 21.15 32.30
CA THR A 155 29.60 20.89 32.96
C THR A 155 29.64 19.52 33.61
N TYR A 156 30.75 18.82 33.42
CA TYR A 156 30.97 17.54 34.07
C TYR A 156 32.06 17.71 35.11
N THR A 157 31.76 17.33 36.34
CA THR A 157 32.74 17.39 37.41
C THR A 157 33.11 15.99 37.85
N PRO A 158 34.38 15.63 37.67
CA PRO A 158 34.85 14.32 38.11
C PRO A 158 34.86 14.23 39.61
N SER A 159 34.42 13.11 40.13
CA SER A 159 34.35 12.90 41.57
C SER A 159 35.76 12.74 42.14
N ASP A 160 36.70 12.50 41.25
CA ASP A 160 38.09 12.22 41.61
C ASP A 160 38.91 13.49 41.82
N GLY A 161 38.30 14.65 41.66
CA GLY A 161 38.98 15.91 41.85
C GLY A 161 39.71 16.38 40.61
N THR A 162 39.55 15.64 39.53
CA THR A 162 40.12 15.98 38.25
C THR A 162 39.42 17.21 37.73
N GLN A 163 40.08 17.97 36.86
CA GLN A 163 39.54 19.24 36.44
C GLN A 163 38.18 19.04 35.81
N LYS A 164 37.23 19.89 36.18
CA LYS A 164 35.90 19.85 35.62
C LYS A 164 35.85 20.38 34.20
N VAL A 165 34.94 19.87 33.39
CA VAL A 165 34.82 20.30 32.00
C VAL A 165 33.49 20.98 31.77
N THR A 166 33.53 22.15 31.16
CA THR A 166 32.33 22.90 30.86
C THR A 166 32.28 23.25 29.38
N TYR A 167 31.13 23.03 28.76
CA TYR A 167 30.94 23.37 27.36
C TYR A 167 29.76 24.31 27.24
N LEU A 168 29.79 25.18 26.25
CA LEU A 168 28.70 26.11 26.06
C LEU A 168 27.73 25.54 25.05
N VAL A 169 26.55 25.14 25.54
CA VAL A 169 25.52 24.65 24.66
C VAL A 169 25.00 25.75 23.73
N HIS A 170 24.74 26.92 24.29
CA HIS A 170 24.35 28.06 23.49
C HIS A 170 24.56 29.37 24.21
N ASN A 171 24.66 30.45 23.44
CA ASN A 171 24.63 31.79 23.99
C ASN A 171 23.42 32.45 23.40
N PHE A 172 22.44 32.82 24.22
CA PHE A 172 21.28 33.48 23.68
C PHE A 172 21.53 34.97 23.68
N GLU A 173 22.03 35.48 22.56
CA GLU A 173 22.29 36.89 22.42
C GLU A 173 21.00 37.69 22.48
N GLU A 174 19.98 37.18 21.83
CA GLU A 174 18.67 37.80 21.88
C GLU A 174 17.60 36.73 21.99
N GLY A 175 16.53 37.03 22.70
CA GLY A 175 15.36 36.20 22.73
C GLY A 175 15.37 34.99 23.66
N GLY A 176 14.22 34.34 23.71
CA GLY A 176 14.00 33.13 24.47
C GLY A 176 14.44 31.85 23.78
N GLY A 177 14.42 30.77 24.52
CA GLY A 177 14.81 29.48 24.00
C GLY A 177 14.24 28.36 24.84
N VAL A 178 14.48 27.13 24.42
CA VAL A 178 14.30 25.99 25.28
C VAL A 178 15.63 25.24 25.40
N ALA A 179 15.96 24.80 26.61
CA ALA A 179 17.21 24.09 26.82
C ALA A 179 17.01 22.79 27.58
N MET A 180 17.89 21.84 27.33
CA MET A 180 17.74 20.51 27.89
C MET A 180 19.06 19.87 28.28
N GLY A 181 19.01 19.01 29.27
CA GLY A 181 20.13 18.14 29.60
C GLY A 181 19.63 16.72 29.73
N MET A 182 20.32 15.78 29.11
CA MET A 182 19.98 14.37 29.28
C MET A 182 21.21 13.48 29.34
N TYR A 183 21.04 12.31 29.92
CA TYR A 183 22.14 11.41 30.18
C TYR A 183 21.77 9.97 29.89
N ASN A 184 22.77 9.14 29.64
CA ASN A 184 22.60 7.70 29.77
C ASN A 184 23.79 7.03 30.38
N GLN A 185 23.54 5.85 30.90
CA GLN A 185 24.55 5.18 31.71
C GLN A 185 24.99 3.88 31.08
N ASP A 186 26.27 3.57 31.21
CA ASP A 186 26.90 2.47 30.51
C ASP A 186 26.29 1.13 30.87
N LYS A 187 25.95 0.94 32.13
CA LYS A 187 25.37 -0.32 32.58
C LYS A 187 24.01 -0.63 31.97
N SER A 188 23.15 0.38 31.85
CA SER A 188 21.83 0.16 31.29
C SER A 188 21.88 -0.27 29.83
N ILE A 189 22.75 0.39 29.07
CA ILE A 189 22.98 0.08 27.68
C ILE A 189 23.57 -1.30 27.54
N GLU A 190 24.47 -1.64 28.45
CA GLU A 190 25.10 -2.94 28.46
C GLU A 190 24.09 -4.03 28.70
N ASP A 191 23.20 -3.80 29.65
CA ASP A 191 22.15 -4.75 29.99
C ASP A 191 21.21 -4.90 28.82
N PHE A 192 20.91 -3.78 28.19
CA PHE A 192 19.98 -3.71 27.09
C PHE A 192 20.49 -4.51 25.91
N ALA A 193 21.78 -4.39 25.64
CA ALA A 193 22.43 -5.18 24.59
C ALA A 193 22.43 -6.66 24.86
N HIS A 194 22.74 -7.03 26.10
CA HIS A 194 22.80 -8.42 26.50
C HIS A 194 21.43 -9.04 26.36
N SER A 195 20.40 -8.29 26.76
CA SER A 195 19.04 -8.74 26.64
C SER A 195 18.60 -8.94 25.19
N SER A 196 18.97 -8.00 24.33
CA SER A 196 18.64 -8.10 22.91
C SER A 196 19.33 -9.22 22.15
N PHE A 197 20.61 -9.47 22.43
CA PHE A 197 21.30 -10.57 21.78
C PHE A 197 20.70 -11.89 22.19
N GLN A 198 20.43 -12.03 23.47
CA GLN A 198 19.85 -13.22 24.03
C GLN A 198 18.44 -13.49 23.52
N MET A 199 17.66 -12.44 23.40
CA MET A 199 16.32 -12.55 22.86
C MET A 199 16.33 -13.01 21.41
N ALA A 200 17.22 -12.44 20.62
CA ALA A 200 17.35 -12.83 19.22
C ALA A 200 17.79 -14.28 19.08
N LEU A 201 18.76 -14.67 19.89
CA LEU A 201 19.23 -16.04 19.87
C LEU A 201 18.15 -17.02 20.29
N SER A 202 17.38 -16.65 21.30
CA SER A 202 16.22 -17.43 21.70
C SER A 202 15.10 -17.45 20.66
N LYS A 203 14.84 -16.28 20.10
CA LYS A 203 13.83 -16.10 19.05
C LYS A 203 14.13 -16.77 17.71
N GLY A 204 15.39 -16.79 17.31
CA GLY A 204 15.77 -17.28 15.99
C GLY A 204 15.82 -16.23 14.90
N TRP A 205 15.75 -14.97 15.29
CA TRP A 205 15.74 -13.87 14.34
C TRP A 205 17.00 -13.03 14.42
N PRO A 206 17.33 -12.35 13.33
CA PRO A 206 18.43 -11.38 13.31
C PRO A 206 18.09 -10.12 14.11
N LEU A 207 19.12 -9.42 14.56
CA LEU A 207 18.94 -8.24 15.40
C LEU A 207 19.53 -7.00 14.78
N TYR A 208 18.81 -5.89 14.91
CA TYR A 208 19.31 -4.59 14.51
C TYR A 208 19.15 -3.60 15.65
N LEU A 209 20.08 -2.67 15.75
CA LEU A 209 20.00 -1.56 16.69
C LEU A 209 20.02 -0.28 15.90
N SER A 210 19.13 0.65 16.21
CA SER A 210 19.08 1.90 15.49
C SER A 210 19.51 3.08 16.36
N THR A 211 20.42 3.89 15.84
CA THR A 211 20.86 5.09 16.51
C THR A 211 21.13 6.17 15.48
N LYS A 212 20.93 7.44 15.84
CA LYS A 212 21.38 8.53 14.97
C LYS A 212 22.81 8.89 15.31
N ASN A 213 23.68 7.91 15.19
CA ASN A 213 25.07 8.04 15.60
C ASN A 213 25.89 9.02 14.76
N THR A 214 25.48 9.22 13.53
CA THR A 214 26.12 10.20 12.66
C THR A 214 25.98 11.64 13.15
N ILE A 215 24.80 12.03 13.59
CA ILE A 215 24.59 13.33 14.22
C ILE A 215 25.25 13.51 15.58
N LEU A 216 25.17 12.48 16.40
CA LEU A 216 25.57 12.54 17.79
C LEU A 216 26.58 11.45 17.95
N LYS A 217 27.79 11.71 17.47
CA LYS A 217 28.81 10.70 17.43
C LYS A 217 29.22 10.19 18.79
N LYS A 218 29.45 11.10 19.73
CA LYS A 218 29.81 10.68 21.07
C LYS A 218 28.70 10.01 21.85
N TYR A 219 27.52 10.62 21.84
CA TYR A 219 26.39 10.11 22.60
C TYR A 219 25.78 8.81 22.10
N ASP A 220 25.61 8.69 20.79
CA ASP A 220 25.01 7.49 20.22
C ASP A 220 26.08 6.49 19.85
N GLY A 221 27.32 6.95 19.83
CA GLY A 221 28.46 6.12 19.61
C GLY A 221 28.62 5.11 20.72
N ARG A 222 28.36 5.52 21.95
CA ARG A 222 28.48 4.60 23.06
C ARG A 222 27.48 3.46 22.90
N PHE A 223 26.26 3.77 22.47
CA PHE A 223 25.30 2.69 22.29
C PHE A 223 25.79 1.73 21.22
N LYS A 224 26.24 2.27 20.10
CA LYS A 224 26.72 1.44 19.00
C LYS A 224 27.97 0.67 19.39
N ASP A 225 28.89 1.34 20.07
CA ASP A 225 30.14 0.73 20.49
C ASP A 225 29.96 -0.41 21.48
N ILE A 226 29.08 -0.20 22.45
CA ILE A 226 28.80 -1.22 23.44
C ILE A 226 28.15 -2.43 22.82
N PHE A 227 27.23 -2.21 21.91
CA PHE A 227 26.56 -3.30 21.23
C PHE A 227 27.54 -4.11 20.39
N GLN A 228 28.44 -3.44 19.69
CA GLN A 228 29.46 -4.14 18.92
C GLN A 228 30.42 -4.91 19.81
N GLU A 229 30.85 -4.28 20.89
CA GLU A 229 31.86 -4.86 21.75
C GLU A 229 31.37 -6.14 22.40
N ILE A 230 30.13 -6.14 22.88
CA ILE A 230 29.49 -7.30 23.47
C ILE A 230 29.23 -8.43 22.48
N TYR A 231 28.78 -8.07 21.27
CA TYR A 231 28.49 -9.06 20.26
C TYR A 231 29.73 -9.81 19.82
N ASP A 232 30.81 -9.06 19.60
CA ASP A 232 32.04 -9.66 19.14
C ASP A 232 32.66 -10.58 20.18
N LYS A 233 32.66 -10.11 21.43
CA LYS A 233 33.20 -10.89 22.53
C LYS A 233 32.42 -12.13 22.91
N GLN A 234 31.10 -12.02 23.00
CA GLN A 234 30.30 -13.09 23.58
C GLN A 234 29.21 -13.77 22.76
N TYR A 235 28.73 -13.12 21.73
CA TYR A 235 27.54 -13.63 21.05
C TYR A 235 27.66 -14.05 19.58
N LYS A 236 28.69 -13.59 18.89
CA LYS A 236 28.74 -13.72 17.44
C LYS A 236 28.75 -15.14 16.91
N SER A 237 29.52 -16.02 17.55
CA SER A 237 29.64 -17.39 17.08
C SER A 237 28.30 -18.11 17.16
N GLN A 238 27.56 -17.84 18.22
CA GLN A 238 26.24 -18.41 18.40
C GLN A 238 25.30 -17.94 17.30
N PHE A 239 25.40 -16.66 16.95
CA PHE A 239 24.66 -16.11 15.84
C PHE A 239 25.08 -16.77 14.54
N GLU A 240 26.38 -17.01 14.39
CA GLU A 240 26.91 -17.68 13.22
C GLU A 240 26.37 -19.10 13.12
N ALA A 241 26.31 -19.79 14.25
CA ALA A 241 25.82 -21.16 14.28
C ALA A 241 24.35 -21.21 13.87
N GLN A 242 23.60 -20.22 14.32
CA GLN A 242 22.17 -20.18 14.10
C GLN A 242 21.81 -19.46 12.80
N LYS A 243 22.82 -19.09 12.02
CA LYS A 243 22.61 -18.44 10.73
C LYS A 243 21.87 -17.11 10.80
N ILE A 244 22.15 -16.34 11.85
CA ILE A 244 21.51 -15.06 12.08
C ILE A 244 22.60 -14.04 12.39
N TRP A 245 22.28 -12.77 12.31
CA TRP A 245 23.28 -11.71 12.43
C TRP A 245 22.81 -10.57 13.29
N TYR A 246 23.76 -9.76 13.74
CA TYR A 246 23.46 -8.48 14.36
C TYR A 246 24.09 -7.35 13.57
N GLU A 247 23.32 -6.32 13.30
CA GLU A 247 23.86 -5.16 12.60
C GLU A 247 23.33 -3.87 13.20
N HIS A 248 24.03 -2.78 12.96
CA HIS A 248 23.60 -1.48 13.43
C HIS A 248 23.06 -0.68 12.25
N ARG A 249 21.94 -0.01 12.47
CA ARG A 249 21.33 0.79 11.43
C ARG A 249 21.00 2.16 11.94
N LEU A 250 21.08 3.15 11.07
CA LEU A 250 20.55 4.48 11.34
C LEU A 250 19.04 4.43 11.31
N ILE A 251 18.38 5.22 12.14
CA ILE A 251 16.93 5.14 12.26
C ILE A 251 16.20 5.47 10.97
N ASP A 252 16.68 6.45 10.22
CA ASP A 252 16.02 6.79 8.98
C ASP A 252 16.06 5.62 8.04
N ASP A 253 17.21 4.96 7.98
CA ASP A 253 17.34 3.78 7.15
C ASP A 253 16.43 2.68 7.65
N MET A 254 16.43 2.47 8.96
CA MET A 254 15.67 1.38 9.56
C MET A 254 14.15 1.46 9.44
N VAL A 255 13.58 2.64 9.65
CA VAL A 255 12.14 2.75 9.48
C VAL A 255 11.76 2.52 8.03
N ALA A 256 12.54 3.07 7.13
CA ALA A 256 12.30 2.87 5.71
C ALA A 256 12.49 1.41 5.33
N GLN A 257 13.54 0.81 5.87
CA GLN A 257 13.83 -0.59 5.64
C GLN A 257 12.75 -1.49 6.18
N ALA A 258 12.25 -1.14 7.36
CA ALA A 258 11.19 -1.90 8.00
C ALA A 258 9.90 -1.90 7.20
N MET A 259 9.53 -0.75 6.65
CA MET A 259 8.32 -0.66 5.84
C MET A 259 8.40 -1.52 4.58
N LYS A 260 9.56 -1.48 3.94
CA LYS A 260 9.86 -2.28 2.76
C LYS A 260 9.88 -3.76 3.09
N SER A 261 10.34 -4.06 4.29
CA SER A 261 10.65 -5.41 4.72
C SER A 261 9.43 -6.29 4.94
N GLU A 262 9.68 -7.58 4.98
CA GLU A 262 8.64 -8.56 5.23
C GLU A 262 8.56 -8.96 6.70
N GLY A 263 9.32 -8.29 7.55
CA GLY A 263 9.39 -8.65 8.95
C GLY A 263 10.41 -9.72 9.23
N GLY A 264 10.25 -10.43 10.34
CA GLY A 264 11.21 -11.46 10.72
C GLY A 264 12.44 -11.03 11.48
N PHE A 265 12.43 -9.84 12.04
CA PHE A 265 13.59 -9.34 12.76
C PHE A 265 13.27 -8.73 14.10
N ILE A 266 14.29 -8.68 14.95
CA ILE A 266 14.19 -7.99 16.23
C ILE A 266 14.85 -6.64 16.08
N TRP A 267 14.12 -5.59 16.43
CA TRP A 267 14.59 -4.24 16.29
C TRP A 267 14.84 -3.68 17.68
N ALA A 268 16.07 -3.27 17.97
CA ALA A 268 16.38 -2.78 19.28
C ALA A 268 16.37 -1.27 19.23
N CYS A 269 15.60 -0.68 20.13
CA CYS A 269 15.29 0.74 20.08
C CYS A 269 15.71 1.47 21.32
N LYS A 270 16.24 2.67 21.13
CA LYS A 270 16.53 3.56 22.24
C LYS A 270 15.19 4.03 22.70
N ASN A 271 15.13 4.57 23.90
CA ASN A 271 13.87 4.76 24.59
C ASN A 271 12.87 5.63 23.86
N TYR A 272 13.31 6.75 23.29
CA TYR A 272 12.39 7.56 22.51
C TYR A 272 11.92 6.85 21.25
N ASP A 273 12.84 6.19 20.56
CA ASP A 273 12.52 5.47 19.35
C ASP A 273 11.58 4.31 19.62
N GLY A 274 11.83 3.59 20.69
CA GLY A 274 11.03 2.46 21.09
C GLY A 274 9.61 2.85 21.45
N ASP A 275 9.48 3.97 22.15
CA ASP A 275 8.17 4.43 22.59
C ASP A 275 7.27 4.76 21.42
N VAL A 276 7.83 5.42 20.42
CA VAL A 276 7.12 5.69 19.16
C VAL A 276 6.83 4.42 18.38
N GLN A 277 7.82 3.54 18.34
CA GLN A 277 7.77 2.30 17.59
C GLN A 277 6.72 1.32 18.09
N SER A 278 6.55 1.26 19.40
CA SER A 278 5.68 0.25 19.96
C SER A 278 4.24 0.35 19.51
N ASP A 279 3.66 1.54 19.53
CA ASP A 279 2.32 1.71 18.98
C ASP A 279 2.24 1.56 17.48
N SER A 280 3.22 2.14 16.80
CA SER A 280 3.24 2.20 15.35
C SER A 280 3.34 0.83 14.73
N VAL A 281 4.22 0.00 15.27
CA VAL A 281 4.38 -1.35 14.78
C VAL A 281 3.12 -2.16 15.03
N ALA A 282 2.52 -1.99 16.20
CA ALA A 282 1.28 -2.67 16.53
C ALA A 282 0.17 -2.24 15.60
N GLN A 283 0.14 -0.95 15.31
CA GLN A 283 -0.88 -0.38 14.45
C GLN A 283 -0.77 -0.97 13.05
N GLY A 284 0.45 -1.09 12.55
CA GLY A 284 0.68 -1.61 11.23
C GLY A 284 0.20 -3.04 11.10
N TYR A 285 0.46 -3.81 12.13
CA TYR A 285 0.04 -5.20 12.20
C TYR A 285 -1.46 -5.46 12.26
N GLY A 286 -2.19 -4.63 13.01
CA GLY A 286 -3.58 -4.93 13.27
C GLY A 286 -4.00 -4.46 14.63
N SER A 287 -4.92 -5.19 15.24
CA SER A 287 -5.45 -4.86 16.56
C SER A 287 -4.47 -4.99 17.71
N LEU A 288 -4.66 -4.14 18.71
CA LEU A 288 -3.85 -4.13 19.92
C LEU A 288 -4.07 -5.38 20.76
N GLY A 289 -5.16 -6.05 20.49
CA GLY A 289 -5.49 -7.30 21.16
C GLY A 289 -4.45 -8.36 20.84
N MET A 290 -3.75 -8.17 19.73
CA MET A 290 -2.79 -9.14 19.21
C MET A 290 -1.33 -8.87 19.54
N MET A 291 -1.07 -7.92 20.42
CA MET A 291 0.29 -7.55 20.78
C MET A 291 0.65 -8.03 22.17
N THR A 292 1.84 -8.62 22.32
CA THR A 292 2.26 -9.16 23.59
C THR A 292 3.56 -8.52 24.05
N SER A 293 3.73 -8.43 25.38
CA SER A 293 4.94 -7.87 25.96
C SER A 293 5.68 -8.95 26.72
N VAL A 294 6.97 -9.09 26.47
CA VAL A 294 7.80 -9.94 27.30
C VAL A 294 8.97 -9.14 27.84
N LEU A 295 9.20 -9.25 29.14
CA LEU A 295 10.30 -8.56 29.75
C LEU A 295 11.38 -9.58 30.02
N VAL A 296 12.55 -9.36 29.46
CA VAL A 296 13.64 -10.31 29.54
C VAL A 296 14.88 -9.66 30.15
N CYS A 297 15.39 -10.29 31.19
CA CYS A 297 16.59 -9.83 31.87
C CYS A 297 17.88 -10.28 31.20
N PRO A 298 18.96 -9.60 31.52
CA PRO A 298 20.28 -9.83 30.92
C PRO A 298 20.79 -11.24 31.18
N ASP A 299 20.51 -11.78 32.35
CA ASP A 299 20.97 -13.12 32.74
C ASP A 299 20.41 -14.15 31.77
N GLY A 300 19.18 -13.92 31.36
CA GLY A 300 18.47 -14.75 30.41
C GLY A 300 17.63 -15.81 31.08
N LYS A 301 17.86 -16.00 32.37
CA LYS A 301 17.03 -16.87 33.18
C LYS A 301 15.60 -16.36 33.36
N THR A 302 15.47 -15.05 33.56
CA THR A 302 14.23 -14.47 34.06
C THR A 302 13.37 -13.79 33.00
N VAL A 303 12.11 -14.20 32.96
CA VAL A 303 11.14 -13.63 32.03
C VAL A 303 9.83 -13.23 32.71
N GLU A 304 9.29 -12.08 32.35
CA GLU A 304 7.96 -11.70 32.79
C GLU A 304 7.10 -11.43 31.56
N ALA A 305 5.95 -12.07 31.47
CA ALA A 305 5.10 -11.94 30.29
C ALA A 305 3.75 -11.32 30.58
N GLU A 306 3.40 -10.31 29.80
CA GLU A 306 2.11 -9.62 29.90
C GLU A 306 1.66 -9.14 28.52
N ALA A 307 0.39 -8.86 28.36
CA ALA A 307 -0.10 -8.28 27.13
C ALA A 307 0.37 -6.83 26.96
N ALA A 308 0.65 -6.45 25.71
CA ALA A 308 1.06 -5.10 25.37
C ALA A 308 -0.04 -4.07 25.63
N HIS A 309 -1.27 -4.48 25.37
CA HIS A 309 -2.42 -3.62 25.56
C HIS A 309 -2.80 -3.45 27.03
N GLY A 310 -3.65 -2.47 27.27
CA GLY A 310 -4.11 -2.13 28.60
C GLY A 310 -5.29 -2.94 29.09
N THR A 311 -5.90 -2.45 30.15
CA THR A 311 -7.05 -3.08 30.78
C THR A 311 -8.31 -3.01 29.91
N VAL A 312 -8.29 -2.22 28.84
CA VAL A 312 -9.45 -2.10 27.97
C VAL A 312 -10.71 -1.61 28.66
N THR A 313 -10.60 -0.42 29.26
CA THR A 313 -11.67 0.17 30.05
C THR A 313 -12.98 0.43 29.29
N ARG A 314 -12.89 0.85 28.05
CA ARG A 314 -14.09 1.20 27.30
C ARG A 314 -15.00 0.01 27.14
N HIS A 315 -14.43 -1.16 26.87
CA HIS A 315 -15.17 -2.42 26.85
C HIS A 315 -15.72 -2.77 28.22
N TYR A 316 -14.91 -2.55 29.25
CA TYR A 316 -15.28 -2.89 30.61
C TYR A 316 -16.48 -2.10 31.06
N ARG A 317 -16.54 -0.84 30.66
CA ARG A 317 -17.65 0.03 31.00
C ARG A 317 -18.94 -0.51 30.44
N MET A 318 -18.87 -1.05 29.23
CA MET A 318 -19.99 -1.70 28.61
C MET A 318 -20.40 -2.92 29.41
N TYR A 319 -19.41 -3.63 29.92
CA TYR A 319 -19.64 -4.83 30.71
C TYR A 319 -20.42 -4.48 31.98
N GLN A 320 -20.04 -3.39 32.62
CA GLN A 320 -20.71 -2.91 33.82
C GLN A 320 -22.15 -2.54 33.52
N LYS A 321 -22.35 -1.95 32.35
CA LYS A 321 -23.65 -1.49 31.90
C LYS A 321 -24.57 -2.67 31.58
N GLY A 322 -24.00 -3.85 31.47
CA GLY A 322 -24.75 -5.05 31.14
C GLY A 322 -24.83 -5.34 29.66
N GLN A 323 -24.13 -4.55 28.87
CA GLN A 323 -24.04 -4.74 27.43
C GLN A 323 -23.02 -5.81 27.00
N GLU A 324 -23.19 -6.30 25.78
CA GLU A 324 -22.29 -7.29 25.20
C GLU A 324 -20.91 -6.73 24.87
N THR A 325 -19.89 -7.54 25.04
CA THR A 325 -18.52 -7.13 24.71
C THR A 325 -17.84 -8.14 23.81
N SER A 326 -17.00 -7.66 22.90
CA SER A 326 -16.09 -8.53 22.20
C SER A 326 -14.66 -8.06 22.44
N THR A 327 -13.96 -8.74 23.34
CA THR A 327 -12.62 -8.36 23.71
C THR A 327 -11.64 -9.47 23.38
N ASN A 328 -10.51 -9.10 22.81
CA ASN A 328 -9.52 -10.06 22.36
C ASN A 328 -8.62 -10.58 23.47
N PRO A 329 -8.56 -11.89 23.61
CA PRO A 329 -7.78 -12.52 24.67
C PRO A 329 -6.42 -13.02 24.21
N ILE A 330 -6.10 -12.84 22.94
CA ILE A 330 -4.95 -13.50 22.37
C ILE A 330 -3.64 -13.07 23.01
N ALA A 331 -3.48 -11.77 23.22
CA ALA A 331 -2.29 -11.25 23.84
C ALA A 331 -2.20 -11.76 25.26
N SER A 332 -3.32 -11.71 25.95
CA SER A 332 -3.41 -12.17 27.31
C SER A 332 -3.18 -13.68 27.39
N ILE A 333 -3.72 -14.40 26.42
CA ILE A 333 -3.49 -15.83 26.29
C ILE A 333 -2.03 -16.11 26.02
N PHE A 334 -1.47 -15.32 25.12
CA PHE A 334 -0.08 -15.48 24.71
C PHE A 334 0.91 -15.16 25.80
N ALA A 335 0.51 -14.29 26.71
CA ALA A 335 1.36 -13.99 27.84
C ALA A 335 1.57 -15.26 28.63
N TRP A 336 0.51 -16.03 28.81
CA TRP A 336 0.62 -17.29 29.53
C TRP A 336 1.49 -18.30 28.81
N THR A 337 1.30 -18.41 27.49
CA THR A 337 2.02 -19.37 26.68
C THR A 337 3.51 -19.09 26.62
N ARG A 338 3.88 -17.81 26.50
CA ARG A 338 5.27 -17.41 26.48
C ARG A 338 5.97 -17.70 27.78
N GLY A 339 5.30 -17.41 28.89
CA GLY A 339 5.84 -17.69 30.19
C GLY A 339 6.02 -19.18 30.41
N LEU A 340 5.04 -19.94 29.97
CA LEU A 340 5.09 -21.38 30.09
C LEU A 340 6.22 -21.96 29.25
N ALA A 341 6.41 -21.43 28.06
CA ALA A 341 7.48 -21.88 27.19
C ALA A 341 8.85 -21.62 27.79
N HIS A 342 9.03 -20.45 28.38
CA HIS A 342 10.27 -20.14 29.05
C HIS A 342 10.49 -21.04 30.27
N ARG A 343 9.41 -21.28 31.01
CA ARG A 343 9.47 -22.16 32.17
C ARG A 343 9.85 -23.56 31.73
N ALA A 344 9.28 -23.99 30.62
CA ALA A 344 9.62 -25.27 30.04
C ALA A 344 11.07 -25.27 29.62
N LYS A 345 11.51 -24.15 29.07
CA LYS A 345 12.88 -24.01 28.61
C LYS A 345 13.88 -24.13 29.74
N LEU A 346 13.60 -23.47 30.86
CA LEU A 346 14.47 -23.53 32.02
C LEU A 346 14.52 -24.92 32.63
N ASP A 347 13.37 -25.56 32.70
CA ASP A 347 13.26 -26.87 33.34
C ASP A 347 13.43 -28.02 32.37
N ASN A 348 13.61 -27.71 31.09
CA ASN A 348 13.78 -28.73 30.07
C ASN A 348 12.59 -29.66 30.03
N ASN A 349 11.41 -29.09 30.21
CA ASN A 349 10.18 -29.87 30.22
C ASN A 349 9.55 -29.84 28.85
N LYS A 350 9.66 -30.93 28.11
CA LYS A 350 9.04 -31.05 26.80
C LYS A 350 7.52 -31.06 26.84
N GLU A 351 6.96 -31.72 27.85
CA GLU A 351 5.52 -31.85 27.96
C GLU A 351 4.86 -30.49 28.13
N LEU A 352 5.45 -29.64 28.96
CA LEU A 352 5.02 -28.27 29.09
C LEU A 352 5.26 -27.44 27.83
N ALA A 353 6.40 -27.67 27.19
CA ALA A 353 6.76 -26.95 25.99
C ALA A 353 5.77 -27.26 24.88
N PHE A 354 5.37 -28.51 24.78
CA PHE A 354 4.43 -28.93 23.76
C PHE A 354 3.08 -28.26 23.97
N PHE A 355 2.64 -28.19 25.22
CA PHE A 355 1.37 -27.56 25.54
C PHE A 355 1.33 -26.08 25.24
N ALA A 356 2.41 -25.37 25.56
CA ALA A 356 2.45 -23.94 25.36
C ALA A 356 2.33 -23.63 23.89
N ASN A 357 3.00 -24.41 23.05
CA ASN A 357 2.86 -24.27 21.62
C ASN A 357 1.48 -24.62 21.13
N ALA A 358 0.90 -25.66 21.71
CA ALA A 358 -0.39 -26.16 21.26
C ALA A 358 -1.46 -25.10 21.43
N LEU A 359 -1.40 -24.36 22.53
CA LEU A 359 -2.36 -23.30 22.77
C LEU A 359 -2.23 -22.20 21.72
N GLU A 360 -0.99 -21.87 21.39
CA GLU A 360 -0.73 -20.84 20.39
C GLU A 360 -1.25 -21.25 19.02
N GLU A 361 -1.02 -22.50 18.65
CA GLU A 361 -1.49 -23.00 17.37
C GLU A 361 -3.01 -23.01 17.31
N VAL A 362 -3.62 -23.43 18.42
CA VAL A 362 -5.06 -23.53 18.48
C VAL A 362 -5.69 -22.15 18.34
N SER A 363 -5.10 -21.18 19.03
CA SER A 363 -5.62 -19.82 19.02
C SER A 363 -5.56 -19.17 17.65
N ILE A 364 -4.44 -19.35 16.96
CA ILE A 364 -4.30 -18.88 15.60
C ILE A 364 -5.22 -19.63 14.65
N GLU A 365 -5.30 -20.94 14.83
CA GLU A 365 -6.07 -21.78 13.93
C GLU A 365 -7.54 -21.40 14.00
N THR A 366 -8.01 -21.12 15.19
CA THR A 366 -9.39 -20.74 15.41
C THR A 366 -9.75 -19.45 14.67
N ILE A 367 -8.88 -18.46 14.77
CA ILE A 367 -9.08 -17.20 14.06
C ILE A 367 -9.02 -17.42 12.57
N GLU A 368 -8.07 -18.25 12.16
CA GLU A 368 -7.81 -18.50 10.76
C GLU A 368 -8.99 -19.20 10.11
N ALA A 369 -9.81 -19.83 10.94
CA ALA A 369 -10.99 -20.54 10.47
C ALA A 369 -12.24 -19.68 10.47
N GLY A 370 -12.09 -18.41 10.84
CA GLY A 370 -13.21 -17.47 10.88
C GLY A 370 -13.95 -17.21 12.18
N PHE A 371 -13.47 -17.72 13.30
CA PHE A 371 -14.06 -17.38 14.58
C PHE A 371 -13.13 -16.39 15.30
N MET A 372 -13.63 -15.19 15.56
CA MET A 372 -12.79 -14.14 16.07
C MET A 372 -13.58 -13.08 16.81
N THR A 373 -12.87 -12.28 17.59
CA THR A 373 -13.45 -11.13 18.27
C THR A 373 -13.73 -10.01 17.26
N LYS A 374 -14.50 -9.01 17.67
CA LYS A 374 -14.96 -7.97 16.78
C LYS A 374 -13.83 -7.17 16.14
N ASP A 375 -12.77 -6.91 16.88
CA ASP A 375 -11.67 -6.14 16.33
C ASP A 375 -11.02 -6.83 15.15
N LEU A 376 -10.86 -8.15 15.23
CA LEU A 376 -10.35 -8.90 14.10
C LEU A 376 -11.28 -8.86 12.90
N ALA A 377 -12.58 -8.97 13.17
CA ALA A 377 -13.60 -8.98 12.14
C ALA A 377 -13.58 -7.67 11.39
N ALA A 378 -13.34 -6.59 12.12
CA ALA A 378 -13.26 -5.27 11.53
C ALA A 378 -12.11 -5.20 10.54
N CYS A 379 -11.00 -5.85 10.85
CA CYS A 379 -9.83 -5.77 9.99
C CYS A 379 -10.11 -6.30 8.59
N ILE A 380 -10.75 -7.46 8.48
CA ILE A 380 -11.15 -7.96 7.17
C ILE A 380 -12.26 -7.20 6.47
N LYS A 381 -13.35 -6.97 7.19
CA LYS A 381 -14.51 -6.27 6.67
C LYS A 381 -14.35 -4.79 6.41
N GLY A 382 -13.66 -4.14 7.33
CA GLY A 382 -13.67 -2.71 7.51
C GLY A 382 -14.67 -2.45 8.61
N LEU A 383 -14.47 -1.39 9.38
CA LEU A 383 -15.25 -1.18 10.59
C LEU A 383 -16.74 -1.01 10.33
N PRO A 384 -17.06 -0.27 9.27
CA PRO A 384 -18.44 0.04 8.90
C PRO A 384 -19.21 -1.19 8.50
N ASN A 385 -18.54 -2.10 7.81
CA ASN A 385 -19.18 -3.24 7.20
C ASN A 385 -19.31 -4.47 8.08
N VAL A 386 -18.79 -4.40 9.30
CA VAL A 386 -18.90 -5.52 10.23
C VAL A 386 -20.33 -5.73 10.71
N GLN A 387 -20.70 -6.99 10.90
CA GLN A 387 -22.03 -7.37 11.34
C GLN A 387 -21.90 -8.33 12.50
N ARG A 388 -22.95 -8.43 13.30
CA ARG A 388 -22.91 -9.21 14.54
C ARG A 388 -22.61 -10.68 14.26
N SER A 389 -23.12 -11.18 13.14
CA SER A 389 -22.86 -12.55 12.69
C SER A 389 -21.38 -12.79 12.43
N ASP A 390 -20.66 -11.71 12.11
CA ASP A 390 -19.27 -11.80 11.67
C ASP A 390 -18.26 -12.12 12.76
N TYR A 391 -18.66 -11.99 14.02
CA TYR A 391 -17.74 -12.15 15.13
C TYR A 391 -18.37 -12.84 16.33
N LEU A 392 -17.52 -13.30 17.23
CA LEU A 392 -17.98 -13.88 18.48
C LEU A 392 -17.82 -12.88 19.60
N ASN A 393 -18.70 -12.94 20.59
CA ASN A 393 -18.58 -12.12 21.78
C ASN A 393 -17.53 -12.72 22.69
N THR A 394 -17.15 -12.01 23.74
CA THR A 394 -15.98 -12.38 24.51
C THR A 394 -16.05 -13.77 25.11
N PHE A 395 -17.18 -14.11 25.71
CA PHE A 395 -17.40 -15.46 26.22
C PHE A 395 -17.46 -16.50 25.10
N GLU A 396 -18.09 -16.14 24.00
CA GLU A 396 -18.24 -17.06 22.89
C GLU A 396 -16.92 -17.47 22.27
N PHE A 397 -16.00 -16.52 22.13
CA PHE A 397 -14.69 -16.83 21.58
C PHE A 397 -13.88 -17.78 22.46
N MET A 398 -13.94 -17.56 23.76
CA MET A 398 -13.20 -18.38 24.71
C MET A 398 -13.68 -19.82 24.69
N ASP A 399 -14.98 -20.00 24.56
CA ASP A 399 -15.58 -21.31 24.47
C ASP A 399 -15.14 -22.07 23.23
N LYS A 400 -15.08 -21.37 22.11
CA LYS A 400 -14.62 -21.96 20.87
C LYS A 400 -13.17 -22.36 20.99
N LEU A 401 -12.39 -21.51 21.66
CA LEU A 401 -11.00 -21.78 21.93
C LEU A 401 -10.83 -22.98 22.84
N GLY A 402 -11.67 -23.06 23.86
CA GLY A 402 -11.65 -24.17 24.79
C GLY A 402 -12.00 -25.48 24.13
N GLU A 403 -13.01 -25.47 23.26
CA GLU A 403 -13.41 -26.67 22.56
C GLU A 403 -12.27 -27.14 21.67
N ASN A 404 -11.68 -26.20 20.97
CA ASN A 404 -10.59 -26.51 20.06
C ASN A 404 -9.37 -27.03 20.78
N LEU A 405 -9.07 -26.45 21.94
CA LEU A 405 -7.93 -26.88 22.72
C LEU A 405 -8.12 -28.31 23.15
N LYS A 406 -9.34 -28.66 23.56
CA LYS A 406 -9.63 -30.02 23.97
C LYS A 406 -9.48 -31.01 22.82
N ILE A 407 -9.97 -30.64 21.65
CA ILE A 407 -9.84 -31.46 20.47
C ILE A 407 -8.40 -31.62 20.03
N LYS A 408 -7.65 -30.52 20.08
CA LYS A 408 -6.28 -30.52 19.61
C LYS A 408 -5.37 -31.40 20.45
N LEU A 409 -5.53 -31.34 21.75
CA LEU A 409 -4.72 -32.15 22.66
C LEU A 409 -4.99 -33.63 22.50
N ALA A 410 -6.27 -33.98 22.35
CA ALA A 410 -6.67 -35.36 22.17
C ALA A 410 -6.12 -35.92 20.87
N GLN A 411 -6.13 -35.10 19.83
CA GLN A 411 -5.63 -35.50 18.52
C GLN A 411 -4.16 -35.81 18.65
N ALA A 412 -3.45 -35.00 19.42
CA ALA A 412 -2.03 -35.18 19.62
C ALA A 412 -1.73 -36.50 20.30
N LYS A 413 -2.53 -36.86 21.29
CA LYS A 413 -2.34 -38.16 21.90
C LYS A 413 -2.67 -39.18 20.83
N LEU A 414 -1.83 -40.21 20.72
CA LEU A 414 -2.02 -41.17 19.65
C LEU A 414 -1.08 -40.86 18.50
N LYS B 3 0.95 31.90 -28.56
CA LYS B 3 2.30 31.42 -28.79
C LYS B 3 2.96 31.02 -27.49
N LYS B 4 3.60 31.99 -26.84
CA LYS B 4 4.28 31.74 -25.57
C LYS B 4 3.70 32.53 -24.41
N ILE B 5 3.37 31.84 -23.32
CA ILE B 5 2.88 32.47 -22.12
C ILE B 5 4.01 33.28 -21.50
N SER B 6 3.66 34.41 -20.89
CA SER B 6 4.68 35.25 -20.27
C SER B 6 4.86 34.79 -18.85
N GLY B 7 5.98 34.13 -18.60
CA GLY B 7 6.29 33.53 -17.32
C GLY B 7 6.49 34.48 -16.15
N GLY B 8 7.15 35.59 -16.42
CA GLY B 8 7.63 36.45 -15.36
C GLY B 8 9.01 36.04 -14.95
N SER B 9 9.53 36.64 -13.88
CA SER B 9 10.91 36.41 -13.48
C SER B 9 11.12 35.18 -12.62
N VAL B 10 12.01 34.31 -13.06
CA VAL B 10 12.32 33.07 -12.35
C VAL B 10 13.83 32.91 -12.20
N VAL B 11 14.27 32.34 -11.10
CA VAL B 11 15.68 32.07 -10.89
C VAL B 11 15.94 30.59 -11.02
N GLU B 12 16.79 30.22 -11.95
CA GLU B 12 17.03 28.82 -12.25
C GLU B 12 18.47 28.44 -11.94
N MET B 13 18.65 27.37 -11.19
CA MET B 13 20.00 26.90 -10.90
C MET B 13 20.27 25.51 -11.48
N GLN B 14 21.31 25.41 -12.29
CA GLN B 14 21.73 24.15 -12.85
C GLN B 14 22.41 23.28 -11.80
N GLY B 15 22.30 21.98 -11.97
CA GLY B 15 22.78 21.01 -10.99
C GLY B 15 23.90 20.11 -11.46
N ASP B 16 23.95 18.92 -10.90
CA ASP B 16 25.03 17.97 -11.16
C ASP B 16 24.53 16.64 -11.67
N GLU B 17 25.41 15.94 -12.38
CA GLU B 17 25.23 14.55 -12.76
C GLU B 17 23.96 14.22 -13.54
N MET B 18 23.25 13.18 -13.13
CA MET B 18 22.08 12.71 -13.86
C MET B 18 20.93 13.69 -13.91
N THR B 19 20.70 14.38 -12.80
CA THR B 19 19.63 15.36 -12.71
C THR B 19 19.87 16.49 -13.69
N ARG B 20 21.13 16.85 -13.86
CA ARG B 20 21.52 17.92 -14.76
C ARG B 20 21.13 17.60 -16.19
N ILE B 21 21.31 16.35 -16.59
CA ILE B 21 20.91 15.92 -17.92
C ILE B 21 19.41 16.02 -18.12
N ILE B 22 18.66 15.58 -17.11
CA ILE B 22 17.21 15.68 -17.11
C ILE B 22 16.74 17.13 -17.09
N TRP B 23 17.45 17.96 -16.34
CA TRP B 23 17.06 19.34 -16.15
C TRP B 23 17.07 20.05 -17.48
N GLU B 24 18.09 19.79 -18.29
CA GLU B 24 18.14 20.36 -19.63
C GLU B 24 17.01 19.84 -20.50
N LEU B 25 16.72 18.55 -20.37
CA LEU B 25 15.62 17.95 -21.11
C LEU B 25 14.28 18.54 -20.74
N ILE B 26 14.05 18.78 -19.44
CA ILE B 26 12.81 19.37 -19.01
C ILE B 26 12.63 20.76 -19.59
N LYS B 27 13.69 21.56 -19.54
CA LYS B 27 13.61 22.92 -20.05
C LYS B 27 13.37 22.91 -21.54
N GLU B 28 14.13 22.06 -22.22
CA GLU B 28 14.10 22.01 -23.67
C GLU B 28 12.77 21.55 -24.26
N LYS B 29 12.21 20.50 -23.68
CA LYS B 29 11.00 19.90 -24.24
C LYS B 29 9.73 20.23 -23.50
N LEU B 30 9.85 20.65 -22.25
CA LEU B 30 8.68 20.89 -21.45
C LEU B 30 8.30 22.36 -21.24
N ILE B 31 9.26 23.18 -20.85
CA ILE B 31 8.95 24.54 -20.44
C ILE B 31 9.13 25.60 -21.51
N PHE B 32 10.27 25.56 -22.17
CA PHE B 32 10.68 26.65 -23.05
C PHE B 32 9.77 26.87 -24.26
N PRO B 33 9.29 25.79 -24.84
CA PRO B 33 8.49 25.91 -26.06
C PRO B 33 7.22 26.70 -25.84
N TYR B 34 6.54 26.45 -24.72
CA TYR B 34 5.28 27.09 -24.45
C TYR B 34 5.34 28.27 -23.49
N VAL B 35 6.51 28.51 -22.92
CA VAL B 35 6.65 29.56 -21.91
C VAL B 35 7.85 30.46 -22.14
N GLU B 36 7.67 31.74 -21.90
CA GLU B 36 8.75 32.71 -22.03
C GLU B 36 8.99 33.33 -20.67
N LEU B 37 10.23 33.30 -20.20
CA LEU B 37 10.51 33.76 -18.86
C LEU B 37 11.65 34.75 -18.79
N ASP B 38 11.64 35.55 -17.75
CA ASP B 38 12.77 36.37 -17.43
C ASP B 38 13.58 35.48 -16.54
N LEU B 39 14.65 34.94 -17.06
CA LEU B 39 15.36 33.88 -16.39
C LEU B 39 16.71 34.32 -15.93
N HIS B 40 16.97 34.18 -14.63
CA HIS B 40 18.28 34.49 -14.11
C HIS B 40 18.91 33.18 -13.71
N SER B 41 19.98 32.81 -14.40
CA SER B 41 20.51 31.47 -14.33
C SER B 41 21.86 31.41 -13.65
N TYR B 42 21.96 30.54 -12.66
CA TYR B 42 23.19 30.35 -11.92
C TYR B 42 23.59 28.90 -11.99
N ASP B 43 24.86 28.64 -12.27
CA ASP B 43 25.30 27.27 -12.39
C ASP B 43 25.79 26.76 -11.05
N LEU B 44 25.03 25.85 -10.47
CA LEU B 44 25.33 25.31 -9.16
C LEU B 44 26.06 24.00 -9.33
N GLY B 45 26.38 23.68 -10.56
CA GLY B 45 27.08 22.46 -10.86
C GLY B 45 28.39 22.54 -10.14
N ILE B 46 28.90 21.40 -9.70
CA ILE B 46 29.99 21.37 -8.75
C ILE B 46 31.25 22.05 -9.25
N GLU B 47 31.59 21.87 -10.52
CA GLU B 47 32.81 22.49 -11.02
C GLU B 47 32.76 24.01 -10.97
N ASN B 48 31.63 24.59 -11.36
CA ASN B 48 31.47 26.04 -11.30
C ASN B 48 31.51 26.54 -9.88
N ARG B 49 30.90 25.78 -8.98
CA ARG B 49 30.89 26.15 -7.57
C ARG B 49 32.31 26.18 -7.05
N ASP B 50 33.10 25.18 -7.43
CA ASP B 50 34.49 25.12 -7.03
C ASP B 50 35.25 26.30 -7.60
N ALA B 51 34.94 26.65 -8.84
CA ALA B 51 35.62 27.73 -9.52
C ALA B 51 35.40 29.06 -8.83
N THR B 52 34.19 29.28 -8.35
CA THR B 52 33.82 30.55 -7.74
C THR B 52 33.95 30.54 -6.22
N ASN B 53 34.48 29.47 -5.68
CA ASN B 53 34.64 29.37 -4.25
C ASN B 53 33.27 29.38 -3.61
N ASP B 54 32.27 28.98 -4.38
CA ASP B 54 30.90 28.89 -3.88
C ASP B 54 30.20 30.23 -3.78
N GLN B 55 30.77 31.27 -4.39
CA GLN B 55 30.12 32.57 -4.41
C GLN B 55 28.81 32.52 -5.16
N VAL B 56 28.79 31.76 -6.24
CA VAL B 56 27.63 31.67 -7.11
C VAL B 56 26.43 31.14 -6.36
N THR B 57 26.67 30.20 -5.46
CA THR B 57 25.62 29.64 -4.66
C THR B 57 25.02 30.76 -3.82
N LYS B 58 25.86 31.63 -3.31
CA LYS B 58 25.41 32.83 -2.61
C LYS B 58 24.65 33.76 -3.54
N ASP B 59 25.12 33.89 -4.77
CA ASP B 59 24.49 34.77 -5.74
C ASP B 59 23.06 34.35 -6.02
N ALA B 60 22.85 33.04 -6.17
CA ALA B 60 21.54 32.50 -6.43
C ALA B 60 20.57 32.74 -5.27
N ALA B 61 21.05 32.56 -4.06
CA ALA B 61 20.23 32.75 -2.87
C ALA B 61 19.76 34.19 -2.75
N GLU B 62 20.66 35.13 -3.02
CA GLU B 62 20.31 36.54 -3.02
C GLU B 62 19.31 36.85 -4.11
N ALA B 63 19.50 36.22 -5.27
CA ALA B 63 18.60 36.40 -6.41
C ALA B 63 17.18 35.91 -6.11
N ILE B 64 17.07 34.78 -5.43
CA ILE B 64 15.78 34.22 -5.09
C ILE B 64 15.00 35.16 -4.18
N LYS B 65 15.71 35.79 -3.25
CA LYS B 65 15.10 36.74 -2.34
C LYS B 65 14.54 37.93 -3.12
N LYS B 66 15.30 38.39 -4.10
CA LYS B 66 14.87 39.50 -4.95
C LYS B 66 13.63 39.18 -5.79
N HIS B 67 13.60 37.99 -6.38
CA HIS B 67 12.51 37.63 -7.30
C HIS B 67 11.41 36.75 -6.70
N ASN B 68 11.73 36.09 -5.59
CA ASN B 68 10.73 35.36 -4.83
C ASN B 68 10.50 33.94 -5.34
N VAL B 69 11.09 33.62 -6.49
CA VAL B 69 10.93 32.28 -7.06
C VAL B 69 12.26 31.68 -7.50
N GLY B 70 12.52 30.45 -7.08
CA GLY B 70 13.70 29.74 -7.54
C GLY B 70 13.39 28.31 -7.90
N VAL B 71 14.01 27.81 -8.96
CA VAL B 71 13.91 26.39 -9.30
C VAL B 71 15.31 25.79 -9.25
N LYS B 72 15.46 24.70 -8.52
CA LYS B 72 16.78 24.14 -8.27
C LYS B 72 16.98 22.72 -8.75
N CYS B 73 18.08 22.51 -9.45
CA CYS B 73 18.54 21.19 -9.82
C CYS B 73 19.31 20.57 -8.67
N ALA B 74 19.29 19.26 -8.56
CA ALA B 74 20.02 18.58 -7.52
C ALA B 74 21.51 18.85 -7.69
N THR B 75 22.20 19.03 -6.58
CA THR B 75 23.60 19.39 -6.59
C THR B 75 24.41 18.44 -5.72
N ILE B 76 25.65 18.18 -6.13
CA ILE B 76 26.54 17.38 -5.32
C ILE B 76 26.89 18.11 -4.04
N THR B 77 26.85 17.42 -2.91
CA THR B 77 27.29 17.99 -1.66
C THR B 77 28.60 17.33 -1.31
N PRO B 78 29.65 18.15 -1.18
CA PRO B 78 31.00 17.62 -1.07
C PRO B 78 31.30 16.86 0.20
N ASP B 79 32.16 15.87 0.02
CA ASP B 79 32.60 14.99 1.09
C ASP B 79 34.04 14.68 0.74
N GLU B 80 34.73 13.98 1.61
CA GLU B 80 36.14 13.74 1.40
C GLU B 80 36.32 13.01 0.07
N LYS B 81 35.42 12.09 -0.21
CA LYS B 81 35.47 11.35 -1.46
C LYS B 81 35.30 12.25 -2.68
N ARG B 82 34.39 13.20 -2.58
CA ARG B 82 34.13 14.15 -3.66
C ARG B 82 35.30 15.06 -3.98
N VAL B 83 36.00 15.50 -2.94
CA VAL B 83 37.09 16.44 -3.12
C VAL B 83 38.18 15.81 -3.98
N GLU B 84 38.47 14.54 -3.72
CA GLU B 84 39.46 13.82 -4.50
C GLU B 84 39.04 13.67 -5.95
N GLU B 85 37.77 13.39 -6.18
CA GLU B 85 37.26 13.22 -7.53
C GLU B 85 37.37 14.48 -8.37
N PHE B 86 36.96 15.61 -7.79
CA PHE B 86 37.02 16.87 -8.52
C PHE B 86 38.20 17.75 -8.13
N LYS B 87 38.98 17.32 -7.15
CA LYS B 87 40.13 18.07 -6.70
C LYS B 87 39.78 19.50 -6.31
N LEU B 88 38.65 19.65 -5.63
CA LEU B 88 38.17 20.96 -5.22
C LEU B 88 39.07 21.60 -4.17
N LYS B 89 39.18 22.93 -4.23
CA LYS B 89 40.04 23.67 -3.33
C LYS B 89 39.60 23.52 -1.88
N GLN B 90 38.30 23.58 -1.65
CA GLN B 90 37.76 23.49 -0.30
C GLN B 90 36.58 22.55 -0.26
N MET B 91 36.32 21.98 0.91
CA MET B 91 35.21 21.05 1.04
C MET B 91 33.94 21.85 1.27
N TRP B 92 33.33 22.26 0.18
CA TRP B 92 32.24 23.22 0.22
C TRP B 92 31.02 22.71 0.98
N LYS B 93 30.36 23.62 1.67
CA LYS B 93 29.13 23.34 2.38
C LYS B 93 28.01 23.12 1.38
N SER B 94 26.96 22.41 1.79
CA SER B 94 25.84 22.11 0.90
C SER B 94 25.09 23.35 0.43
N PRO B 95 24.71 23.37 -0.84
CA PRO B 95 24.00 24.51 -1.43
C PRO B 95 22.65 24.73 -0.79
N ASN B 96 21.94 23.66 -0.48
CA ASN B 96 20.65 23.80 0.16
C ASN B 96 20.85 24.46 1.51
N GLY B 97 21.87 24.04 2.23
CA GLY B 97 22.15 24.65 3.51
C GLY B 97 22.52 26.11 3.38
N THR B 98 23.36 26.44 2.40
CA THR B 98 23.72 27.82 2.19
C THR B 98 22.51 28.63 1.75
N ILE B 99 21.72 28.08 0.85
CA ILE B 99 20.51 28.74 0.38
C ILE B 99 19.51 28.86 1.52
N ARG B 100 19.37 27.79 2.28
CA ARG B 100 18.40 27.76 3.35
C ARG B 100 18.76 28.78 4.41
N ASN B 101 20.04 28.88 4.73
CA ASN B 101 20.45 29.82 5.75
C ASN B 101 20.18 31.26 5.33
N ILE B 102 20.47 31.59 4.08
CA ILE B 102 20.20 32.94 3.58
C ILE B 102 18.72 33.30 3.48
N LEU B 103 17.93 32.39 2.93
CA LEU B 103 16.48 32.57 2.80
C LEU B 103 15.73 32.56 4.10
N GLY B 104 16.11 31.65 4.98
CA GLY B 104 15.27 31.27 6.09
C GLY B 104 14.27 30.34 5.46
N GLY B 105 13.21 30.00 6.17
CA GLY B 105 12.19 29.15 5.60
C GLY B 105 12.27 27.68 5.93
N THR B 106 11.16 26.99 5.75
CA THR B 106 11.02 25.58 6.09
C THR B 106 10.70 24.77 4.86
N VAL B 107 11.44 23.69 4.63
CA VAL B 107 11.18 22.82 3.49
C VAL B 107 9.97 21.94 3.73
N PHE B 108 9.15 21.77 2.70
CA PHE B 108 8.04 20.86 2.76
C PHE B 108 8.17 19.80 1.68
N ARG B 109 8.00 18.54 2.05
CA ARG B 109 8.18 17.44 1.13
C ARG B 109 6.87 16.78 0.74
N GLU B 110 6.58 16.79 -0.55
CA GLU B 110 5.36 16.22 -1.10
C GLU B 110 5.70 15.22 -2.17
N ALA B 111 5.06 14.07 -2.13
CA ALA B 111 5.29 13.05 -3.13
C ALA B 111 4.09 12.96 -4.04
N ILE B 112 4.34 12.95 -5.35
CA ILE B 112 3.28 12.82 -6.33
C ILE B 112 2.63 11.46 -6.25
N ILE B 113 1.31 11.43 -6.40
CA ILE B 113 0.56 10.19 -6.30
C ILE B 113 -0.02 9.80 -7.64
N CYS B 114 0.19 8.55 -8.00
CA CYS B 114 -0.36 7.97 -9.21
C CYS B 114 -1.25 6.81 -8.83
N LYS B 115 -2.42 6.72 -9.44
CA LYS B 115 -3.39 5.72 -9.03
C LYS B 115 -2.89 4.29 -9.24
N ASN B 116 -2.21 4.06 -10.35
CA ASN B 116 -1.69 2.74 -10.67
C ASN B 116 -0.60 2.21 -9.73
N ILE B 117 0.20 3.10 -9.15
CA ILE B 117 1.32 2.69 -8.32
C ILE B 117 0.92 2.32 -6.90
N PRO B 118 1.31 1.13 -6.49
CA PRO B 118 1.03 0.63 -5.14
C PRO B 118 1.91 1.27 -4.08
N ARG B 119 1.41 1.37 -2.86
CA ARG B 119 2.20 1.90 -1.77
C ARG B 119 2.20 0.98 -0.58
N LEU B 120 3.21 1.13 0.27
CA LEU B 120 3.39 0.26 1.40
C LEU B 120 2.19 0.37 2.31
N VAL B 121 1.66 1.57 2.45
CA VAL B 121 0.44 1.76 3.23
C VAL B 121 -0.72 1.84 2.27
N SER B 122 -1.67 0.94 2.44
CA SER B 122 -2.78 0.78 1.51
C SER B 122 -3.64 2.02 1.43
N GLY B 123 -3.88 2.62 2.58
CA GLY B 123 -4.80 3.72 2.74
C GLY B 123 -4.54 5.01 2.00
N TRP B 124 -3.30 5.44 1.92
CA TRP B 124 -3.05 6.79 1.45
C TRP B 124 -3.48 6.94 0.01
N VAL B 125 -4.39 7.87 -0.23
CA VAL B 125 -4.83 8.21 -1.56
C VAL B 125 -4.64 9.70 -1.75
N LYS B 126 -4.25 10.36 -0.66
CA LYS B 126 -4.07 11.80 -0.66
C LYS B 126 -2.71 12.13 -0.10
N PRO B 127 -2.13 13.23 -0.57
CA PRO B 127 -0.78 13.62 -0.18
C PRO B 127 -0.64 13.93 1.29
N ILE B 128 0.47 13.48 1.88
CA ILE B 128 0.85 13.87 3.21
C ILE B 128 2.10 14.70 3.03
N ILE B 129 2.09 15.93 3.51
CA ILE B 129 3.22 16.82 3.32
C ILE B 129 3.97 16.99 4.63
N ILE B 130 5.28 16.79 4.59
CA ILE B 130 6.06 16.89 5.80
C ILE B 130 6.86 18.17 5.82
N GLY B 131 6.69 18.93 6.88
CA GLY B 131 7.38 20.18 7.05
C GLY B 131 8.41 19.98 8.13
N HIS B 132 9.64 20.33 7.83
CA HIS B 132 10.75 19.95 8.67
C HIS B 132 11.48 21.15 9.25
N HIS B 133 11.69 21.12 10.56
CA HIS B 133 12.34 22.22 11.25
C HIS B 133 13.86 22.02 11.25
N ALA B 134 14.53 22.67 10.32
CA ALA B 134 15.95 22.49 10.09
C ALA B 134 16.84 22.92 11.23
N TYR B 135 16.51 24.01 11.89
CA TYR B 135 17.28 24.41 13.03
C TYR B 135 17.09 23.33 14.05
N GLY B 136 18.17 22.85 14.64
CA GLY B 136 18.08 21.61 15.36
C GLY B 136 18.49 21.68 16.79
N ASP B 137 17.66 21.14 17.67
CA ASP B 137 18.08 20.85 19.03
C ASP B 137 19.11 19.74 19.07
N GLN B 138 18.83 18.67 18.34
CA GLN B 138 19.74 17.54 18.20
C GLN B 138 20.97 17.87 17.36
N TYR B 139 20.75 18.64 16.31
CA TYR B 139 21.77 18.88 15.32
C TYR B 139 22.74 19.99 15.67
N ARG B 140 22.46 20.71 16.75
CA ARG B 140 23.40 21.63 17.33
C ARG B 140 23.47 21.34 18.80
N ALA B 141 24.07 20.21 19.15
CA ALA B 141 24.07 19.74 20.53
C ALA B 141 25.47 19.38 20.95
N THR B 142 25.73 19.48 22.24
CA THR B 142 27.01 19.06 22.74
C THR B 142 26.82 17.75 23.45
N ASP B 143 27.44 16.71 22.91
CA ASP B 143 27.32 15.39 23.47
C ASP B 143 28.72 14.91 23.79
N PHE B 144 28.89 14.35 24.97
CA PHE B 144 30.18 13.85 25.38
C PHE B 144 30.05 12.55 26.13
N VAL B 145 31.06 11.69 25.99
CA VAL B 145 31.14 10.47 26.76
C VAL B 145 31.51 10.78 28.20
N VAL B 146 30.96 10.04 29.16
CA VAL B 146 31.34 10.25 30.54
C VAL B 146 32.22 9.11 31.00
N PRO B 147 33.47 9.43 31.30
CA PRO B 147 34.49 8.43 31.63
C PRO B 147 34.29 7.67 32.93
N GLY B 148 33.89 8.37 33.97
CA GLY B 148 33.94 7.86 35.32
C GLY B 148 33.00 8.61 36.20
N PRO B 149 32.83 8.17 37.43
CA PRO B 149 31.85 8.81 38.29
C PRO B 149 32.13 10.29 38.36
N GLY B 150 31.06 11.04 38.17
CA GLY B 150 31.12 12.47 38.08
C GLY B 150 29.74 13.03 38.24
N LYS B 151 29.64 14.35 38.37
CA LYS B 151 28.36 15.01 38.37
C LYS B 151 28.24 15.77 37.07
N VAL B 152 27.12 15.60 36.38
CA VAL B 152 26.87 16.34 35.15
C VAL B 152 25.75 17.33 35.40
N GLU B 153 26.00 18.59 35.06
CA GLU B 153 25.05 19.65 35.33
C GLU B 153 24.81 20.53 34.13
N ILE B 154 23.60 21.03 34.00
CA ILE B 154 23.28 22.00 32.97
C ILE B 154 22.85 23.29 33.67
N THR B 155 23.47 24.39 33.30
CA THR B 155 23.23 25.66 33.98
C THR B 155 22.88 26.75 32.99
N TYR B 156 21.97 27.63 33.41
CA TYR B 156 21.61 28.78 32.62
C TYR B 156 22.02 30.03 33.36
N THR B 157 22.79 30.90 32.72
CA THR B 157 23.15 32.16 33.34
C THR B 157 22.65 33.33 32.50
N PRO B 158 21.89 34.21 33.13
CA PRO B 158 21.36 35.40 32.49
C PRO B 158 22.45 36.41 32.21
N SER B 159 22.23 37.28 31.23
CA SER B 159 23.26 38.18 30.74
C SER B 159 23.73 39.10 31.86
N ASP B 160 22.78 39.54 32.68
CA ASP B 160 23.08 40.33 33.87
C ASP B 160 23.86 39.49 34.90
N GLY B 161 23.74 38.18 34.80
CA GLY B 161 24.52 37.29 35.64
C GLY B 161 23.90 37.04 37.00
N THR B 162 22.65 37.45 37.15
CA THR B 162 21.96 37.37 38.41
C THR B 162 20.94 36.24 38.40
N GLN B 163 20.84 35.52 39.52
CA GLN B 163 19.91 34.41 39.66
C GLN B 163 20.00 33.32 38.59
N LYS B 164 21.21 32.79 38.39
CA LYS B 164 21.43 31.65 37.51
C LYS B 164 20.78 30.39 38.08
N VAL B 165 20.43 29.47 37.20
CA VAL B 165 19.84 28.19 37.59
C VAL B 165 20.71 27.00 37.21
N THR B 166 20.89 26.08 38.15
CA THR B 166 21.64 24.85 37.90
C THR B 166 20.74 23.63 38.02
N TYR B 167 20.76 22.77 37.02
CA TYR B 167 20.01 21.54 37.03
C TYR B 167 21.00 20.39 37.00
N LEU B 168 20.85 19.43 37.90
CA LEU B 168 21.76 18.30 37.92
C LEU B 168 21.17 17.21 37.07
N VAL B 169 21.77 16.94 35.93
CA VAL B 169 21.30 15.87 35.07
C VAL B 169 21.46 14.48 35.65
N HIS B 170 22.64 14.21 36.17
CA HIS B 170 22.90 12.93 36.82
C HIS B 170 24.15 12.99 37.65
N ASN B 171 24.25 12.12 38.64
CA ASN B 171 25.49 11.92 39.34
C ASN B 171 25.88 10.47 39.13
N PHE B 172 27.05 10.23 38.57
CA PHE B 172 27.45 8.87 38.27
C PHE B 172 28.22 8.33 39.45
N GLU B 173 27.54 7.55 40.27
CA GLU B 173 28.16 6.96 41.46
C GLU B 173 29.23 5.97 41.07
N GLU B 174 28.93 5.16 40.07
CA GLU B 174 29.87 4.16 39.60
C GLU B 174 29.83 4.16 38.09
N GLY B 175 30.97 3.91 37.47
CA GLY B 175 31.00 3.76 36.03
C GLY B 175 30.87 5.03 35.23
N GLY B 176 30.56 4.86 33.96
CA GLY B 176 30.58 5.91 32.97
C GLY B 176 29.31 5.89 32.14
N GLY B 177 29.11 6.95 31.37
CA GLY B 177 27.92 7.11 30.57
C GLY B 177 28.16 8.13 29.48
N VAL B 178 27.10 8.42 28.73
CA VAL B 178 27.10 9.56 27.83
C VAL B 178 26.12 10.62 28.34
N ALA B 179 26.50 11.88 28.19
CA ALA B 179 25.61 12.98 28.52
C ALA B 179 25.57 13.99 27.40
N MET B 180 24.45 14.67 27.22
CA MET B 180 24.34 15.68 26.19
C MET B 180 23.47 16.85 26.59
N GLY B 181 23.73 18.01 25.99
CA GLY B 181 22.91 19.20 26.18
C GLY B 181 22.46 19.79 24.86
N MET B 182 21.17 20.13 24.74
CA MET B 182 20.67 20.72 23.51
C MET B 182 19.70 21.89 23.72
N TYR B 183 19.56 22.71 22.69
CA TYR B 183 18.81 23.95 22.80
C TYR B 183 18.01 24.23 21.54
N ASN B 184 17.01 25.10 21.67
CA ASN B 184 16.30 25.67 20.54
C ASN B 184 15.88 27.10 20.78
N GLN B 185 15.64 27.81 19.69
CA GLN B 185 15.42 29.25 19.74
C GLN B 185 13.97 29.61 19.55
N ASP B 186 13.50 30.60 20.31
CA ASP B 186 12.11 31.00 20.23
C ASP B 186 11.82 31.47 18.81
N LYS B 187 12.73 32.24 18.25
CA LYS B 187 12.57 32.82 16.92
C LYS B 187 12.51 31.78 15.81
N SER B 188 13.35 30.77 15.91
CA SER B 188 13.38 29.71 14.91
C SER B 188 12.08 28.96 14.87
N ILE B 189 11.56 28.68 16.06
CA ILE B 189 10.29 28.00 16.20
C ILE B 189 9.17 28.86 15.65
N GLU B 190 9.26 30.16 15.90
CA GLU B 190 8.23 31.08 15.46
C GLU B 190 8.14 31.13 13.95
N ASP B 191 9.28 31.17 13.29
CA ASP B 191 9.33 31.18 11.83
C ASP B 191 8.81 29.90 11.25
N PHE B 192 9.15 28.80 11.90
CA PHE B 192 8.75 27.47 11.46
C PHE B 192 7.23 27.35 11.52
N ALA B 193 6.64 27.87 12.58
CA ALA B 193 5.19 27.88 12.74
C ALA B 193 4.49 28.70 11.67
N HIS B 194 5.06 29.86 11.36
CA HIS B 194 4.47 30.77 10.38
C HIS B 194 4.38 30.15 8.99
N SER B 195 5.47 29.53 8.56
CA SER B 195 5.54 28.90 7.25
C SER B 195 4.57 27.73 7.14
N SER B 196 4.48 26.95 8.20
CA SER B 196 3.59 25.81 8.23
C SER B 196 2.13 26.25 8.12
N PHE B 197 1.77 27.30 8.84
CA PHE B 197 0.43 27.85 8.77
C PHE B 197 0.10 28.40 7.39
N GLN B 198 1.05 29.13 6.84
CA GLN B 198 0.89 29.69 5.50
C GLN B 198 0.80 28.60 4.46
N MET B 199 1.60 27.56 4.62
CA MET B 199 1.57 26.42 3.73
C MET B 199 0.24 25.70 3.76
N ALA B 200 -0.33 25.55 4.95
CA ALA B 200 -1.62 24.90 5.10
C ALA B 200 -2.71 25.73 4.43
N LEU B 201 -2.68 27.03 4.65
CA LEU B 201 -3.65 27.92 4.04
C LEU B 201 -3.49 27.95 2.53
N SER B 202 -2.25 27.96 2.07
CA SER B 202 -1.93 27.96 0.65
C SER B 202 -2.35 26.69 -0.09
N LYS B 203 -2.13 25.55 0.53
CA LYS B 203 -2.41 24.27 -0.10
C LYS B 203 -3.78 23.71 0.23
N GLY B 204 -4.54 24.41 1.07
CA GLY B 204 -5.84 23.95 1.52
C GLY B 204 -5.92 22.64 2.28
N TRP B 205 -4.94 22.38 3.15
CA TRP B 205 -4.95 21.18 3.97
C TRP B 205 -4.89 21.55 5.44
N PRO B 206 -5.38 20.66 6.30
CA PRO B 206 -5.21 20.80 7.74
C PRO B 206 -3.76 20.57 8.17
N LEU B 207 -3.36 21.19 9.27
CA LEU B 207 -2.00 21.15 9.75
C LEU B 207 -1.90 20.48 11.11
N TYR B 208 -0.91 19.62 11.27
CA TYR B 208 -0.67 18.98 12.55
C TYR B 208 0.76 19.21 12.99
N LEU B 209 0.95 19.57 14.26
CA LEU B 209 2.28 19.67 14.83
C LEU B 209 2.42 18.62 15.90
N SER B 210 3.51 17.88 15.87
CA SER B 210 3.74 16.79 16.81
C SER B 210 4.88 17.09 17.76
N THR B 211 4.66 16.77 19.03
CA THR B 211 5.63 16.98 20.09
C THR B 211 5.53 15.86 21.11
N LYS B 212 6.52 15.78 21.97
CA LYS B 212 6.57 14.80 23.05
C LYS B 212 6.30 15.51 24.35
N ASN B 213 5.44 16.52 24.27
CA ASN B 213 5.27 17.50 25.33
C ASN B 213 4.86 16.85 26.63
N THR B 214 4.21 15.68 26.56
CA THR B 214 3.91 14.99 27.80
C THR B 214 5.19 14.61 28.54
N ILE B 215 6.16 14.07 27.82
CA ILE B 215 7.45 13.73 28.41
C ILE B 215 8.33 14.92 28.80
N LEU B 216 8.37 15.91 27.92
CA LEU B 216 9.27 17.04 28.08
C LEU B 216 8.41 18.26 28.03
N LYS B 217 7.73 18.54 29.13
CA LYS B 217 6.71 19.57 29.15
C LYS B 217 7.21 20.97 28.87
N LYS B 218 8.30 21.36 29.50
CA LYS B 218 8.84 22.69 29.23
C LYS B 218 9.44 22.87 27.85
N TYR B 219 10.25 21.92 27.42
CA TYR B 219 10.92 22.02 26.14
C TYR B 219 9.99 21.89 24.93
N ASP B 220 9.20 20.84 24.95
CA ASP B 220 8.23 20.58 23.90
C ASP B 220 7.05 21.52 23.89
N GLY B 221 6.62 21.91 25.08
CA GLY B 221 5.48 22.76 25.26
C GLY B 221 5.67 24.10 24.59
N ARG B 222 6.88 24.63 24.62
CA ARG B 222 7.13 25.92 24.01
C ARG B 222 6.82 25.81 22.54
N PHE B 223 7.21 24.70 21.95
CA PHE B 223 6.92 24.47 20.55
C PHE B 223 5.43 24.44 20.42
N LYS B 224 4.80 23.74 21.34
CA LYS B 224 3.35 23.63 21.36
C LYS B 224 2.68 24.96 21.64
N ASP B 225 3.21 25.69 22.62
CA ASP B 225 2.66 26.99 23.00
C ASP B 225 2.79 28.07 21.95
N ILE B 226 3.95 28.13 21.30
CA ILE B 226 4.20 29.12 20.28
C ILE B 226 3.26 28.93 19.10
N PHE B 227 3.04 27.68 18.72
CA PHE B 227 2.15 27.39 17.61
C PHE B 227 0.72 27.81 17.86
N GLN B 228 0.21 27.51 19.04
CA GLN B 228 -1.16 27.91 19.36
C GLN B 228 -1.29 29.42 19.43
N GLU B 229 -0.30 30.06 20.04
CA GLU B 229 -0.35 31.49 20.22
C GLU B 229 -0.32 32.24 18.89
N ILE B 230 0.55 31.81 17.98
CA ILE B 230 0.59 32.43 16.67
C ILE B 230 -0.71 32.19 15.94
N TYR B 231 -1.19 30.94 16.01
CA TYR B 231 -2.40 30.54 15.33
C TYR B 231 -3.63 31.25 15.86
N ASP B 232 -3.75 31.32 17.17
CA ASP B 232 -4.90 31.94 17.80
C ASP B 232 -4.95 33.41 17.47
N LYS B 233 -3.79 34.06 17.58
CA LYS B 233 -3.65 35.46 17.20
C LYS B 233 -3.77 35.80 15.72
N GLN B 234 -3.16 34.99 14.85
CA GLN B 234 -3.07 35.37 13.44
C GLN B 234 -3.85 34.56 12.43
N TYR B 235 -3.71 33.23 12.48
CA TYR B 235 -4.21 32.40 11.41
C TYR B 235 -5.55 31.69 11.64
N LYS B 236 -6.03 31.68 12.87
CA LYS B 236 -7.17 30.83 13.17
C LYS B 236 -8.38 31.22 12.36
N SER B 237 -8.59 32.52 12.23
CA SER B 237 -9.75 33.04 11.55
C SER B 237 -9.75 32.62 10.09
N GLN B 238 -8.59 32.67 9.46
CA GLN B 238 -8.45 32.25 8.07
C GLN B 238 -8.74 30.76 7.86
N PHE B 239 -8.27 29.93 8.79
CA PHE B 239 -8.45 28.49 8.70
C PHE B 239 -9.90 28.09 8.74
N GLU B 240 -10.65 28.71 9.63
CA GLU B 240 -12.07 28.43 9.80
C GLU B 240 -12.86 28.80 8.57
N ALA B 241 -12.46 29.89 7.92
CA ALA B 241 -13.10 30.33 6.70
C ALA B 241 -12.93 29.27 5.64
N GLN B 242 -11.76 28.65 5.62
CA GLN B 242 -11.39 27.70 4.58
C GLN B 242 -11.74 26.27 4.92
N LYS B 243 -12.49 26.07 5.99
CA LYS B 243 -12.85 24.73 6.46
C LYS B 243 -11.63 23.91 6.80
N ILE B 244 -10.64 24.57 7.40
CA ILE B 244 -9.36 23.98 7.69
C ILE B 244 -9.06 24.13 9.17
N TRP B 245 -8.25 23.24 9.72
CA TRP B 245 -7.92 23.30 11.14
C TRP B 245 -6.46 22.97 11.41
N TYR B 246 -5.96 23.42 12.57
CA TYR B 246 -4.66 23.03 13.05
C TYR B 246 -4.80 22.35 14.40
N GLU B 247 -4.17 21.20 14.55
CA GLU B 247 -4.19 20.49 15.82
C GLU B 247 -2.81 19.94 16.15
N HIS B 248 -2.56 19.71 17.43
CA HIS B 248 -1.29 19.22 17.91
C HIS B 248 -1.45 17.80 18.38
N ARG B 249 -0.49 16.95 18.02
CA ARG B 249 -0.53 15.55 18.41
C ARG B 249 0.75 15.12 19.07
N LEU B 250 0.64 14.17 19.98
CA LEU B 250 1.79 13.48 20.51
C LEU B 250 2.35 12.67 19.35
N ILE B 251 3.66 12.53 19.30
CA ILE B 251 4.28 11.92 18.14
C ILE B 251 3.83 10.48 17.90
N ASP B 252 3.69 9.67 18.95
CA ASP B 252 3.28 8.29 18.75
C ASP B 252 1.91 8.24 18.14
N ASP B 253 1.03 9.12 18.60
CA ASP B 253 -0.31 9.21 18.08
C ASP B 253 -0.29 9.61 16.61
N MET B 254 0.55 10.56 16.27
CA MET B 254 0.60 11.05 14.90
C MET B 254 1.04 9.99 13.88
N VAL B 255 2.07 9.23 14.19
CA VAL B 255 2.50 8.20 13.26
C VAL B 255 1.47 7.09 13.09
N ALA B 256 0.89 6.66 14.20
CA ALA B 256 -0.15 5.64 14.15
C ALA B 256 -1.39 6.14 13.44
N GLN B 257 -1.76 7.37 13.73
CA GLN B 257 -2.90 7.98 13.08
C GLN B 257 -2.65 8.18 11.60
N ALA B 258 -1.44 8.58 11.25
CA ALA B 258 -1.08 8.77 9.85
C ALA B 258 -1.15 7.49 9.04
N MET B 259 -0.66 6.39 9.61
CA MET B 259 -0.68 5.11 8.90
C MET B 259 -2.09 4.65 8.62
N LYS B 260 -2.96 4.80 9.60
CA LYS B 260 -4.37 4.48 9.46
C LYS B 260 -5.09 5.44 8.53
N SER B 261 -4.50 6.61 8.36
CA SER B 261 -5.08 7.68 7.57
C SER B 261 -5.06 7.47 6.07
N GLU B 262 -5.81 8.29 5.35
CA GLU B 262 -5.81 8.29 3.90
C GLU B 262 -5.00 9.43 3.28
N GLY B 263 -4.26 10.16 4.12
CA GLY B 263 -3.53 11.33 3.66
C GLY B 263 -4.33 12.60 3.72
N GLY B 264 -3.94 13.60 2.94
CA GLY B 264 -4.62 14.88 2.96
C GLY B 264 -4.31 15.89 4.04
N PHE B 265 -3.14 15.78 4.66
CA PHE B 265 -2.75 16.73 5.70
C PHE B 265 -1.30 17.21 5.61
N ILE B 266 -1.03 18.35 6.24
CA ILE B 266 0.33 18.86 6.37
C ILE B 266 0.83 18.57 7.76
N TRP B 267 1.96 17.89 7.85
CA TRP B 267 2.49 17.47 9.13
C TRP B 267 3.76 18.22 9.42
N ALA B 268 3.75 18.97 10.50
CA ALA B 268 4.90 19.78 10.87
C ALA B 268 5.70 19.00 11.89
N CYS B 269 7.01 18.92 11.65
CA CYS B 269 7.85 18.04 12.41
C CYS B 269 8.99 18.75 13.09
N LYS B 270 9.36 18.25 14.26
CA LYS B 270 10.56 18.69 14.96
C LYS B 270 11.71 18.17 14.15
N ASN B 271 12.89 18.74 14.31
CA ASN B 271 13.98 18.46 13.41
C ASN B 271 14.38 17.00 13.37
N TYR B 272 14.47 16.35 14.52
CA TYR B 272 14.75 14.92 14.54
C TYR B 272 13.62 14.11 13.94
N ASP B 273 12.41 14.47 14.27
CA ASP B 273 11.23 13.77 13.77
C ASP B 273 11.08 13.91 12.27
N GLY B 274 11.34 15.10 11.77
CA GLY B 274 11.27 15.37 10.35
C GLY B 274 12.28 14.57 9.56
N ASP B 275 13.47 14.44 10.14
CA ASP B 275 14.54 13.73 9.47
C ASP B 275 14.17 12.27 9.24
N VAL B 276 13.60 11.64 10.26
CA VAL B 276 13.10 10.28 10.13
C VAL B 276 11.93 10.19 9.16
N GLN B 277 11.05 11.16 9.23
CA GLN B 277 9.84 11.19 8.42
C GLN B 277 10.09 11.28 6.92
N SER B 278 11.06 12.10 6.53
CA SER B 278 11.23 12.36 5.12
C SER B 278 11.58 11.14 4.30
N ASP B 279 12.51 10.33 4.79
CA ASP B 279 12.91 9.12 4.08
C ASP B 279 11.81 8.06 4.01
N SER B 280 11.15 7.84 5.13
CA SER B 280 10.08 6.85 5.24
C SER B 280 8.84 7.19 4.45
N VAL B 281 8.42 8.44 4.55
CA VAL B 281 7.17 8.86 3.93
C VAL B 281 7.22 8.74 2.42
N ALA B 282 8.34 9.15 1.83
CA ALA B 282 8.50 9.04 0.39
C ALA B 282 8.47 7.59 -0.01
N GLN B 283 9.15 6.77 0.78
CA GLN B 283 9.21 5.34 0.58
C GLN B 283 7.86 4.68 0.72
N GLY B 284 7.09 5.11 1.71
CA GLY B 284 5.79 4.53 1.93
C GLY B 284 4.90 4.77 0.74
N TYR B 285 4.96 5.98 0.21
CA TYR B 285 4.25 6.32 -1.00
C TYR B 285 4.74 5.59 -2.26
N GLY B 286 6.05 5.45 -2.39
CA GLY B 286 6.61 4.98 -3.63
C GLY B 286 8.08 5.30 -3.76
N SER B 287 8.54 5.43 -5.00
CA SER B 287 9.92 5.74 -5.32
C SER B 287 10.31 7.17 -4.95
N LEU B 288 11.61 7.37 -4.73
CA LEU B 288 12.19 8.66 -4.39
C LEU B 288 12.11 9.67 -5.53
N GLY B 289 11.96 9.16 -6.74
CA GLY B 289 11.85 9.98 -7.93
C GLY B 289 10.57 10.78 -7.94
N MET B 290 9.65 10.41 -7.06
CA MET B 290 8.35 11.06 -6.94
C MET B 290 8.25 12.09 -5.81
N MET B 291 9.38 12.46 -5.22
CA MET B 291 9.41 13.41 -4.11
C MET B 291 9.93 14.79 -4.50
N THR B 292 9.17 15.82 -4.17
CA THR B 292 9.56 17.19 -4.45
C THR B 292 9.72 17.95 -3.15
N SER B 293 10.59 18.94 -3.16
CA SER B 293 11.04 19.60 -1.95
C SER B 293 11.00 21.12 -1.98
N VAL B 294 9.81 21.70 -1.90
CA VAL B 294 9.67 23.15 -1.84
C VAL B 294 10.17 23.78 -0.54
N LEU B 295 10.83 24.91 -0.64
CA LEU B 295 11.26 25.67 0.52
C LEU B 295 10.49 26.97 0.61
N VAL B 296 9.80 27.17 1.72
CA VAL B 296 8.94 28.32 1.86
C VAL B 296 9.34 29.21 3.03
N CYS B 297 9.47 30.50 2.75
CA CYS B 297 9.76 31.48 3.79
C CYS B 297 8.52 31.89 4.57
N PRO B 298 8.76 32.43 5.75
CA PRO B 298 7.69 32.83 6.66
C PRO B 298 6.78 33.90 6.08
N ASP B 299 7.34 34.84 5.33
CA ASP B 299 6.56 35.90 4.71
C ASP B 299 5.54 35.29 3.78
N GLY B 300 5.94 34.21 3.13
CA GLY B 300 5.07 33.46 2.25
C GLY B 300 5.15 33.99 0.84
N LYS B 301 5.86 35.09 0.68
CA LYS B 301 6.19 35.59 -0.64
C LYS B 301 7.13 34.65 -1.39
N THR B 302 8.12 34.14 -0.67
CA THR B 302 9.27 33.50 -1.29
C THR B 302 9.27 31.98 -1.20
N VAL B 303 9.44 31.34 -2.34
CA VAL B 303 9.44 29.89 -2.42
C VAL B 303 10.62 29.41 -3.25
N GLU B 304 11.17 28.27 -2.88
CA GLU B 304 12.22 27.64 -3.66
C GLU B 304 11.83 26.20 -3.96
N ALA B 305 11.95 25.78 -5.21
CA ALA B 305 11.50 24.45 -5.59
C ALA B 305 12.61 23.55 -6.12
N GLU B 306 12.66 22.34 -5.59
CA GLU B 306 13.61 21.35 -6.04
C GLU B 306 13.13 19.95 -5.74
N ALA B 307 13.70 18.96 -6.41
CA ALA B 307 13.42 17.57 -6.13
C ALA B 307 13.98 17.15 -4.78
N ALA B 308 13.24 16.31 -4.06
CA ALA B 308 13.66 15.79 -2.77
C ALA B 308 14.92 14.93 -2.88
N HIS B 309 15.01 14.18 -3.95
CA HIS B 309 16.13 13.29 -4.21
C HIS B 309 17.39 14.02 -4.65
N GLY B 310 18.49 13.30 -4.60
CA GLY B 310 19.79 13.79 -4.98
C GLY B 310 20.09 13.66 -6.47
N THR B 311 21.37 13.77 -6.79
CA THR B 311 21.89 13.72 -8.15
C THR B 311 21.70 12.38 -8.85
N VAL B 312 21.43 11.33 -8.09
CA VAL B 312 21.28 9.99 -8.67
C VAL B 312 22.51 9.52 -9.44
N THR B 313 23.66 9.66 -8.79
CA THR B 313 24.93 9.32 -9.39
C THR B 313 25.07 7.85 -9.80
N ARG B 314 24.42 6.95 -9.08
CA ARG B 314 24.56 5.55 -9.44
C ARG B 314 24.04 5.31 -10.85
N HIS B 315 22.93 5.97 -11.18
CA HIS B 315 22.41 5.97 -12.53
C HIS B 315 23.37 6.67 -13.48
N TYR B 316 23.97 7.74 -13.00
CA TYR B 316 24.86 8.57 -13.80
C TYR B 316 26.09 7.80 -14.25
N ARG B 317 26.62 6.97 -13.37
CA ARG B 317 27.78 6.17 -13.67
C ARG B 317 27.47 5.19 -14.80
N MET B 318 26.28 4.60 -14.76
CA MET B 318 25.83 3.71 -15.82
C MET B 318 25.69 4.44 -17.15
N TYR B 319 25.17 5.66 -17.09
CA TYR B 319 24.98 6.49 -18.26
C TYR B 319 26.33 6.80 -18.89
N GLN B 320 27.31 7.06 -18.05
CA GLN B 320 28.67 7.33 -18.50
C GLN B 320 29.28 6.12 -19.20
N LYS B 321 28.94 4.95 -18.70
CA LYS B 321 29.43 3.68 -19.23
C LYS B 321 28.79 3.31 -20.55
N GLY B 322 27.76 4.06 -20.96
CA GLY B 322 27.05 3.79 -22.19
C GLY B 322 25.91 2.83 -22.01
N GLN B 323 25.64 2.47 -20.77
CA GLN B 323 24.52 1.58 -20.45
C GLN B 323 23.18 2.29 -20.38
N GLU B 324 22.13 1.49 -20.35
CA GLU B 324 20.76 1.96 -20.24
C GLU B 324 20.44 2.61 -18.90
N THR B 325 19.66 3.69 -18.91
CA THR B 325 19.23 4.32 -17.68
C THR B 325 17.73 4.59 -17.68
N SER B 326 17.10 4.41 -16.52
CA SER B 326 15.69 4.75 -16.36
C SER B 326 15.48 5.61 -15.14
N THR B 327 15.72 6.90 -15.29
CA THR B 327 15.63 7.83 -14.16
C THR B 327 14.34 8.60 -14.21
N ASN B 328 13.63 8.63 -13.09
CA ASN B 328 12.36 9.32 -12.99
C ASN B 328 12.55 10.82 -12.97
N PRO B 329 11.82 11.50 -13.83
CA PRO B 329 11.90 12.95 -13.91
C PRO B 329 10.76 13.65 -13.21
N ILE B 330 9.84 12.91 -12.63
CA ILE B 330 8.62 13.48 -12.11
C ILE B 330 8.87 14.50 -10.99
N ALA B 331 9.76 14.18 -10.07
CA ALA B 331 10.08 15.09 -8.99
C ALA B 331 10.72 16.37 -9.48
N SER B 332 11.64 16.23 -10.41
CA SER B 332 12.32 17.35 -11.03
C SER B 332 11.37 18.20 -11.87
N ILE B 333 10.48 17.54 -12.57
CA ILE B 333 9.49 18.23 -13.38
C ILE B 333 8.55 19.04 -12.50
N PHE B 334 8.16 18.46 -11.39
CA PHE B 334 7.25 19.09 -10.45
C PHE B 334 7.84 20.31 -9.76
N ALA B 335 9.16 20.31 -9.61
CA ALA B 335 9.83 21.45 -9.03
C ALA B 335 9.59 22.65 -9.94
N TRP B 336 9.68 22.42 -11.23
CA TRP B 336 9.40 23.47 -12.19
C TRP B 336 7.96 23.93 -12.13
N THR B 337 7.05 22.96 -12.08
CA THR B 337 5.63 23.26 -12.06
C THR B 337 5.21 23.99 -10.81
N ARG B 338 5.72 23.55 -9.67
CA ARG B 338 5.39 24.16 -8.39
C ARG B 338 5.93 25.57 -8.22
N GLY B 339 7.14 25.82 -8.68
CA GLY B 339 7.70 27.14 -8.68
C GLY B 339 6.91 28.07 -9.59
N LEU B 340 6.53 27.56 -10.74
CA LEU B 340 5.73 28.31 -11.70
C LEU B 340 4.37 28.64 -11.13
N ALA B 341 3.80 27.70 -10.41
CA ALA B 341 2.50 27.89 -9.80
C ALA B 341 2.57 29.03 -8.81
N HIS B 342 3.67 29.08 -8.07
CA HIS B 342 3.90 30.19 -7.15
C HIS B 342 4.07 31.51 -7.89
N ARG B 343 4.78 31.49 -9.00
CA ARG B 343 4.98 32.70 -9.77
C ARG B 343 3.66 33.20 -10.32
N ALA B 344 2.83 32.28 -10.77
CA ALA B 344 1.52 32.64 -11.26
C ALA B 344 0.68 33.25 -10.16
N LYS B 345 0.77 32.69 -8.96
CA LYS B 345 0.04 33.21 -7.83
C LYS B 345 0.49 34.63 -7.51
N LEU B 346 1.79 34.83 -7.51
CA LEU B 346 2.36 36.14 -7.22
C LEU B 346 1.99 37.14 -8.29
N ASP B 347 2.04 36.70 -9.54
CA ASP B 347 1.78 37.56 -10.67
C ASP B 347 0.33 37.58 -11.10
N ASN B 348 -0.48 36.74 -10.47
CA ASN B 348 -1.89 36.64 -10.81
C ASN B 348 -2.06 36.27 -12.26
N ASN B 349 -1.20 35.38 -12.74
CA ASN B 349 -1.23 34.99 -14.14
C ASN B 349 -2.04 33.71 -14.33
N LYS B 350 -3.17 33.84 -14.99
CA LYS B 350 -4.05 32.70 -15.24
C LYS B 350 -3.39 31.66 -16.12
N GLU B 351 -2.75 32.12 -17.18
CA GLU B 351 -2.13 31.22 -18.16
C GLU B 351 -0.97 30.42 -17.60
N LEU B 352 -0.11 31.08 -16.86
CA LEU B 352 1.03 30.40 -16.26
C LEU B 352 0.53 29.37 -15.27
N ALA B 353 -0.50 29.75 -14.53
CA ALA B 353 -1.13 28.85 -13.59
C ALA B 353 -1.75 27.68 -14.31
N PHE B 354 -2.38 27.94 -15.44
CA PHE B 354 -3.00 26.88 -16.21
C PHE B 354 -1.99 25.88 -16.77
N PHE B 355 -0.88 26.39 -17.26
CA PHE B 355 0.18 25.57 -17.84
C PHE B 355 0.83 24.65 -16.82
N ALA B 356 1.08 25.17 -15.63
CA ALA B 356 1.76 24.41 -14.61
C ALA B 356 0.94 23.21 -14.21
N ASN B 357 -0.36 23.41 -14.08
CA ASN B 357 -1.28 22.33 -13.76
C ASN B 357 -1.35 21.31 -14.89
N ALA B 358 -1.33 21.79 -16.12
CA ALA B 358 -1.38 20.91 -17.27
C ALA B 358 -0.16 20.02 -17.32
N LEU B 359 0.99 20.59 -17.02
CA LEU B 359 2.23 19.81 -16.98
C LEU B 359 2.19 18.75 -15.91
N GLU B 360 1.68 19.10 -14.73
CA GLU B 360 1.51 18.13 -13.67
C GLU B 360 0.49 17.09 -14.06
N GLU B 361 -0.59 17.54 -14.67
CA GLU B 361 -1.68 16.65 -15.06
C GLU B 361 -1.25 15.63 -16.10
N VAL B 362 -0.48 16.09 -17.07
CA VAL B 362 0.03 15.23 -18.10
C VAL B 362 0.99 14.18 -17.56
N SER B 363 1.85 14.60 -16.64
CA SER B 363 2.85 13.71 -16.09
C SER B 363 2.23 12.55 -15.32
N ILE B 364 1.22 12.84 -14.53
CA ILE B 364 0.46 11.81 -13.84
C ILE B 364 -0.32 10.93 -14.80
N GLU B 365 -0.92 11.56 -15.80
CA GLU B 365 -1.72 10.86 -16.78
C GLU B 365 -0.89 9.86 -17.55
N THR B 366 0.32 10.25 -17.88
CA THR B 366 1.23 9.39 -18.62
C THR B 366 1.60 8.14 -17.85
N ILE B 367 1.87 8.28 -16.57
CA ILE B 367 2.15 7.13 -15.72
C ILE B 367 0.93 6.25 -15.54
N GLU B 368 -0.22 6.87 -15.37
CA GLU B 368 -1.47 6.19 -15.15
C GLU B 368 -1.86 5.34 -16.35
N ALA B 369 -1.45 5.81 -17.53
CA ALA B 369 -1.65 5.11 -18.78
C ALA B 369 -0.74 3.90 -18.90
N GLY B 370 0.23 3.79 -18.01
CA GLY B 370 1.20 2.71 -18.07
C GLY B 370 2.55 3.01 -18.67
N PHE B 371 2.84 4.28 -18.93
CA PHE B 371 4.17 4.68 -19.37
C PHE B 371 4.97 5.14 -18.16
N MET B 372 6.10 4.50 -17.90
CA MET B 372 6.84 4.80 -16.69
C MET B 372 8.32 4.45 -16.76
N THR B 373 9.06 4.99 -15.81
CA THR B 373 10.43 4.59 -15.53
C THR B 373 10.49 3.34 -14.68
N LYS B 374 11.68 2.77 -14.57
CA LYS B 374 11.87 1.47 -13.93
C LYS B 374 11.46 1.39 -12.48
N ASP B 375 11.70 2.45 -11.71
CA ASP B 375 11.36 2.42 -10.29
C ASP B 375 9.87 2.24 -10.04
N LEU B 376 9.04 2.91 -10.81
CA LEU B 376 7.60 2.73 -10.73
C LEU B 376 7.16 1.33 -11.15
N ALA B 377 7.77 0.81 -12.21
CA ALA B 377 7.44 -0.50 -12.70
C ALA B 377 7.77 -1.52 -11.64
N ALA B 378 8.85 -1.29 -10.92
CA ALA B 378 9.23 -2.15 -9.83
C ALA B 378 8.15 -2.15 -8.77
N CYS B 379 7.55 -0.99 -8.54
CA CYS B 379 6.48 -0.91 -7.56
C CYS B 379 5.27 -1.74 -7.92
N ILE B 380 4.87 -1.69 -9.18
CA ILE B 380 3.78 -2.54 -9.67
C ILE B 380 4.08 -4.03 -9.72
N LYS B 381 5.24 -4.40 -10.23
CA LYS B 381 5.53 -5.80 -10.50
C LYS B 381 6.29 -6.53 -9.40
N GLY B 382 6.84 -5.78 -8.46
CA GLY B 382 7.78 -6.33 -7.51
C GLY B 382 9.16 -6.17 -8.09
N LEU B 383 10.17 -6.17 -7.24
CA LEU B 383 11.52 -5.85 -7.67
C LEU B 383 12.13 -6.79 -8.70
N PRO B 384 11.94 -8.09 -8.50
CA PRO B 384 12.58 -9.10 -9.34
C PRO B 384 11.81 -9.47 -10.58
N ASN B 385 10.58 -8.98 -10.68
CA ASN B 385 9.69 -9.35 -11.77
C ASN B 385 9.58 -8.29 -12.86
N VAL B 386 10.36 -7.23 -12.74
CA VAL B 386 10.38 -6.20 -13.76
C VAL B 386 11.03 -6.70 -15.04
N GLN B 387 10.51 -6.23 -16.16
CA GLN B 387 10.99 -6.63 -17.46
C GLN B 387 11.23 -5.37 -18.26
N ARG B 388 12.05 -5.48 -19.30
CA ARG B 388 12.40 -4.33 -20.10
C ARG B 388 11.15 -3.71 -20.72
N SER B 389 10.19 -4.56 -21.06
CA SER B 389 8.93 -4.15 -21.66
C SER B 389 8.11 -3.23 -20.75
N ASP B 390 8.27 -3.43 -19.46
CA ASP B 390 7.54 -2.73 -18.40
C ASP B 390 7.77 -1.23 -18.30
N TYR B 391 9.00 -0.79 -18.56
CA TYR B 391 9.40 0.59 -18.32
C TYR B 391 10.01 1.26 -19.52
N LEU B 392 10.08 2.58 -19.48
CA LEU B 392 10.70 3.36 -20.53
C LEU B 392 12.04 3.87 -20.05
N ASN B 393 13.00 3.97 -20.96
CA ASN B 393 14.30 4.49 -20.63
C ASN B 393 14.19 5.99 -20.44
N THR B 394 15.19 6.62 -19.86
CA THR B 394 15.06 7.97 -19.38
C THR B 394 14.69 8.93 -20.50
N PHE B 395 15.34 8.78 -21.65
CA PHE B 395 14.97 9.52 -22.85
C PHE B 395 13.61 9.14 -23.40
N GLU B 396 13.28 7.86 -23.35
CA GLU B 396 12.03 7.39 -23.89
C GLU B 396 10.89 8.04 -23.13
N PHE B 397 11.02 8.11 -21.81
CA PHE B 397 9.99 8.71 -20.98
C PHE B 397 9.83 10.20 -21.22
N MET B 398 10.94 10.91 -21.33
CA MET B 398 10.88 12.34 -21.50
C MET B 398 10.23 12.72 -22.82
N ASP B 399 10.57 11.97 -23.86
CA ASP B 399 10.00 12.21 -25.16
C ASP B 399 8.50 11.99 -25.17
N LYS B 400 8.06 10.94 -24.49
CA LYS B 400 6.63 10.66 -24.36
C LYS B 400 5.93 11.76 -23.60
N LEU B 401 6.58 12.30 -22.59
CA LEU B 401 6.05 13.42 -21.84
C LEU B 401 5.91 14.65 -22.73
N GLY B 402 6.92 14.91 -23.56
CA GLY B 402 6.90 16.04 -24.46
C GLY B 402 5.80 15.97 -25.49
N GLU B 403 5.62 14.77 -26.04
CA GLU B 403 4.59 14.50 -27.02
C GLU B 403 3.20 14.57 -26.40
N ASN B 404 3.06 14.02 -25.22
CA ASN B 404 1.80 14.04 -24.50
C ASN B 404 1.41 15.44 -24.06
N LEU B 405 2.41 16.21 -23.62
CA LEU B 405 2.18 17.58 -23.21
C LEU B 405 1.69 18.44 -24.36
N LYS B 406 2.28 18.23 -25.52
CA LYS B 406 1.92 18.99 -26.69
C LYS B 406 0.48 18.74 -27.07
N ILE B 407 0.06 17.49 -27.00
CA ILE B 407 -1.30 17.15 -27.32
C ILE B 407 -2.26 17.81 -26.34
N LYS B 408 -1.92 17.76 -25.05
CA LYS B 408 -2.77 18.28 -23.99
C LYS B 408 -2.95 19.78 -24.09
N LEU B 409 -1.86 20.47 -24.38
CA LEU B 409 -1.88 21.91 -24.59
C LEU B 409 -2.71 22.23 -25.81
N ALA B 410 -2.63 21.37 -26.82
CA ALA B 410 -3.30 21.64 -28.08
C ALA B 410 -4.81 21.76 -27.91
N GLN B 411 -5.41 20.88 -27.08
CA GLN B 411 -6.86 20.86 -26.94
C GLN B 411 -7.37 22.06 -26.17
N ALA B 412 -6.58 22.56 -25.22
CA ALA B 412 -6.89 23.83 -24.58
C ALA B 412 -7.12 24.94 -25.62
N LYS B 413 -6.45 24.88 -26.77
CA LYS B 413 -6.64 25.86 -27.85
C LYS B 413 -7.72 25.45 -28.87
N LYS C 3 -4.22 -27.03 -1.00
CA LYS C 3 -5.63 -27.19 -0.66
C LYS C 3 -6.52 -26.74 -1.80
N LYS C 4 -7.51 -25.92 -1.49
CA LYS C 4 -8.43 -25.42 -2.50
C LYS C 4 -8.30 -23.92 -2.63
N ILE C 5 -8.13 -23.45 -3.86
CA ILE C 5 -8.03 -22.02 -4.13
C ILE C 5 -9.39 -21.37 -3.93
N SER C 6 -9.41 -20.12 -3.52
CA SER C 6 -10.67 -19.43 -3.32
C SER C 6 -11.01 -18.59 -4.55
N GLY C 7 -12.08 -18.97 -5.22
CA GLY C 7 -12.57 -18.25 -6.38
C GLY C 7 -13.05 -16.84 -6.06
N GLY C 8 -13.72 -16.70 -4.92
CA GLY C 8 -14.44 -15.49 -4.64
C GLY C 8 -15.83 -15.65 -5.21
N SER C 9 -16.64 -14.59 -5.18
CA SER C 9 -18.01 -14.69 -5.66
C SER C 9 -18.11 -14.99 -7.15
N VAL C 10 -19.03 -15.89 -7.49
CA VAL C 10 -19.34 -16.20 -8.88
C VAL C 10 -20.83 -16.48 -9.03
N VAL C 11 -21.36 -16.28 -10.23
CA VAL C 11 -22.77 -16.59 -10.50
C VAL C 11 -22.87 -17.68 -11.55
N GLU C 12 -23.64 -18.72 -11.24
CA GLU C 12 -23.74 -19.87 -12.13
C GLU C 12 -25.16 -20.17 -12.58
N MET C 13 -25.32 -20.44 -13.87
CA MET C 13 -26.61 -20.79 -14.43
C MET C 13 -26.60 -22.18 -15.07
N GLN C 14 -27.54 -23.03 -14.68
CA GLN C 14 -27.66 -24.38 -15.21
C GLN C 14 -28.21 -24.45 -16.63
N GLY C 15 -27.90 -25.55 -17.33
CA GLY C 15 -28.31 -25.73 -18.72
C GLY C 15 -29.37 -26.80 -18.95
N ASP C 16 -30.30 -26.50 -19.84
CA ASP C 16 -31.36 -27.44 -20.19
C ASP C 16 -30.83 -28.71 -20.87
N GLU C 17 -29.83 -28.55 -21.73
CA GLU C 17 -29.36 -29.64 -22.59
C GLU C 17 -28.38 -30.60 -21.94
N MET C 18 -27.86 -31.51 -22.75
CA MET C 18 -26.89 -32.51 -22.32
C MET C 18 -25.65 -31.78 -21.84
N THR C 19 -25.49 -30.57 -22.32
CA THR C 19 -24.41 -29.70 -21.89
C THR C 19 -24.57 -29.51 -20.39
N ARG C 20 -25.81 -29.45 -19.93
CA ARG C 20 -26.08 -29.31 -18.51
C ARG C 20 -25.48 -30.51 -17.79
N ILE C 21 -25.60 -31.69 -18.37
CA ILE C 21 -24.95 -32.86 -17.80
C ILE C 21 -23.44 -32.60 -17.82
N ILE C 22 -22.96 -32.06 -18.93
CA ILE C 22 -21.56 -31.70 -19.06
C ILE C 22 -21.22 -30.63 -18.06
N TRP C 23 -22.12 -29.66 -17.90
CA TRP C 23 -21.91 -28.60 -16.94
C TRP C 23 -21.86 -29.20 -15.55
N GLU C 24 -22.79 -30.12 -15.28
CA GLU C 24 -22.80 -30.84 -14.02
C GLU C 24 -21.58 -31.71 -13.90
N LEU C 25 -21.23 -32.40 -14.98
CA LEU C 25 -20.03 -33.20 -15.01
C LEU C 25 -18.81 -32.31 -14.88
N ILE C 26 -18.85 -31.18 -15.58
CA ILE C 26 -17.73 -30.26 -15.62
C ILE C 26 -17.39 -29.67 -14.26
N LYS C 27 -18.41 -29.33 -13.48
CA LYS C 27 -18.17 -28.66 -12.22
C LYS C 27 -17.57 -29.62 -11.20
N GLU C 28 -18.17 -30.80 -11.09
CA GLU C 28 -17.62 -31.86 -10.25
C GLU C 28 -16.30 -32.42 -10.79
N LYS C 29 -16.26 -32.66 -12.09
CA LYS C 29 -15.09 -33.32 -12.71
C LYS C 29 -13.77 -32.57 -12.68
N LEU C 30 -13.79 -31.28 -12.96
CA LEU C 30 -12.54 -30.55 -13.07
C LEU C 30 -12.31 -29.41 -12.09
N ILE C 31 -13.17 -28.40 -12.13
CA ILE C 31 -12.97 -27.19 -11.32
C ILE C 31 -13.00 -27.38 -9.81
N PHE C 32 -13.93 -28.20 -9.34
CA PHE C 32 -14.19 -28.32 -7.92
C PHE C 32 -13.01 -28.84 -7.10
N PRO C 33 -12.33 -29.84 -7.63
CA PRO C 33 -11.24 -30.50 -6.91
C PRO C 33 -10.10 -29.56 -6.60
N TYR C 34 -9.76 -28.69 -7.54
CA TYR C 34 -8.62 -27.82 -7.39
C TYR C 34 -8.98 -26.38 -7.04
N VAL C 35 -10.27 -26.08 -6.96
CA VAL C 35 -10.70 -24.75 -6.61
C VAL C 35 -11.91 -24.73 -5.69
N GLU C 36 -11.98 -23.70 -4.85
CA GLU C 36 -13.12 -23.51 -3.97
C GLU C 36 -13.79 -22.18 -4.33
N LEU C 37 -15.10 -22.22 -4.54
CA LEU C 37 -15.81 -21.03 -4.98
C LEU C 37 -17.12 -20.81 -4.25
N ASP C 38 -17.53 -19.56 -4.18
CA ASP C 38 -18.84 -19.22 -3.64
C ASP C 38 -19.73 -19.02 -4.84
N LEU C 39 -20.76 -19.85 -4.95
CA LEU C 39 -21.58 -19.88 -6.15
C LEU C 39 -23.06 -19.72 -5.87
N HIS C 40 -23.70 -18.87 -6.64
CA HIS C 40 -25.14 -18.79 -6.64
C HIS C 40 -25.56 -19.41 -7.96
N SER C 41 -26.35 -20.47 -7.89
CA SER C 41 -26.65 -21.25 -9.07
C SER C 41 -28.12 -21.17 -9.41
N TYR C 42 -28.41 -20.90 -10.68
CA TYR C 42 -29.78 -20.72 -11.13
C TYR C 42 -30.17 -21.81 -12.12
N ASP C 43 -31.36 -22.36 -11.93
CA ASP C 43 -31.81 -23.50 -12.72
C ASP C 43 -32.37 -23.02 -14.05
N LEU C 44 -31.45 -22.63 -14.93
CA LEU C 44 -31.80 -22.14 -16.26
C LEU C 44 -32.23 -23.28 -17.16
N GLY C 45 -32.89 -22.92 -18.27
CA GLY C 45 -33.43 -23.90 -19.20
C GLY C 45 -34.94 -23.88 -19.24
N ILE C 46 -35.48 -24.38 -20.35
CA ILE C 46 -36.90 -24.20 -20.65
C ILE C 46 -37.85 -24.86 -19.64
N GLU C 47 -37.55 -26.07 -19.20
CA GLU C 47 -38.47 -26.74 -18.30
C GLU C 47 -38.61 -25.96 -17.00
N ASN C 48 -37.48 -25.53 -16.44
CA ASN C 48 -37.47 -24.60 -15.34
C ASN C 48 -37.97 -23.24 -15.81
N ARG C 49 -37.53 -22.87 -17.01
CA ARG C 49 -37.86 -21.57 -17.59
C ARG C 49 -39.34 -21.41 -17.86
N ASP C 50 -39.98 -22.48 -18.36
CA ASP C 50 -41.40 -22.39 -18.70
C ASP C 50 -42.23 -22.08 -17.46
N ALA C 51 -41.93 -22.77 -16.36
CA ALA C 51 -42.58 -22.47 -15.09
C ALA C 51 -42.20 -21.07 -14.68
N THR C 52 -40.93 -20.76 -14.84
CA THR C 52 -40.36 -19.44 -14.54
C THR C 52 -40.91 -18.33 -15.42
N ASN C 53 -41.12 -18.63 -16.70
CA ASN C 53 -41.43 -17.62 -17.69
C ASN C 53 -40.30 -16.62 -17.79
N ASP C 54 -39.08 -17.11 -17.64
CA ASP C 54 -37.87 -16.28 -17.69
C ASP C 54 -37.64 -15.61 -16.34
N GLN C 55 -38.45 -15.95 -15.35
CA GLN C 55 -38.32 -15.35 -14.03
C GLN C 55 -36.96 -15.69 -13.41
N VAL C 56 -36.53 -16.93 -13.61
CA VAL C 56 -35.22 -17.34 -13.14
C VAL C 56 -34.15 -16.54 -13.87
N THR C 57 -34.36 -16.35 -15.17
CA THR C 57 -33.41 -15.61 -15.99
C THR C 57 -33.30 -14.15 -15.54
N LYS C 58 -34.44 -13.54 -15.22
CA LYS C 58 -34.46 -12.15 -14.80
C LYS C 58 -33.71 -11.92 -13.50
N ASP C 59 -33.90 -12.84 -12.55
CA ASP C 59 -33.25 -12.74 -11.25
C ASP C 59 -31.73 -12.86 -11.38
N ALA C 60 -31.29 -13.75 -12.26
CA ALA C 60 -29.87 -14.04 -12.43
C ALA C 60 -29.09 -12.82 -12.90
N ALA C 61 -29.68 -12.06 -13.82
CA ALA C 61 -28.97 -10.93 -14.40
C ALA C 61 -28.60 -9.91 -13.35
N GLU C 62 -29.51 -9.63 -12.43
CA GLU C 62 -29.23 -8.69 -11.34
C GLU C 62 -28.11 -9.23 -10.47
N ALA C 63 -28.14 -10.53 -10.20
CA ALA C 63 -27.12 -11.17 -9.40
C ALA C 63 -25.77 -11.07 -10.09
N ILE C 64 -25.78 -11.27 -11.40
CA ILE C 64 -24.57 -11.15 -12.18
C ILE C 64 -24.07 -9.72 -12.09
N LYS C 65 -25.00 -8.78 -12.13
CA LYS C 65 -24.65 -7.37 -12.10
C LYS C 65 -23.93 -6.98 -10.82
N LYS C 66 -24.44 -7.42 -9.67
CA LYS C 66 -23.79 -7.09 -8.41
C LYS C 66 -22.41 -7.74 -8.23
N HIS C 67 -22.33 -9.03 -8.51
CA HIS C 67 -21.07 -9.76 -8.46
C HIS C 67 -20.08 -9.35 -9.54
N ASN C 68 -20.59 -9.14 -10.74
CA ASN C 68 -19.78 -8.69 -11.87
C ASN C 68 -19.12 -9.85 -12.64
N VAL C 69 -19.30 -11.08 -12.17
CA VAL C 69 -18.78 -12.24 -12.89
C VAL C 69 -19.84 -13.33 -13.09
N GLY C 70 -19.96 -13.83 -14.31
CA GLY C 70 -20.90 -14.89 -14.60
C GLY C 70 -20.41 -15.98 -15.53
N VAL C 71 -20.88 -17.20 -15.28
CA VAL C 71 -20.64 -18.33 -16.19
C VAL C 71 -21.97 -18.99 -16.53
N LYS C 72 -22.19 -19.29 -17.79
CA LYS C 72 -23.47 -19.86 -18.22
C LYS C 72 -23.36 -21.03 -19.19
N CYS C 73 -24.37 -21.88 -19.19
CA CYS C 73 -24.47 -23.00 -20.13
C CYS C 73 -25.64 -22.77 -21.08
N ALA C 74 -25.42 -22.96 -22.38
CA ALA C 74 -26.47 -22.74 -23.37
C ALA C 74 -27.77 -22.34 -22.70
N ASN C 96 -31.48 -15.33 -22.11
CA ASN C 96 -30.15 -15.00 -22.58
C ASN C 96 -30.15 -13.62 -23.19
N GLY C 97 -31.03 -13.41 -24.17
CA GLY C 97 -31.13 -12.13 -24.83
C GLY C 97 -31.53 -11.11 -23.78
N THR C 98 -32.43 -11.54 -22.90
CA THR C 98 -32.88 -10.71 -21.80
C THR C 98 -31.74 -10.37 -20.85
N ILE C 99 -30.89 -11.34 -20.57
CA ILE C 99 -29.81 -11.12 -19.62
C ILE C 99 -28.87 -10.04 -20.13
N ARG C 100 -28.58 -10.09 -21.43
CA ARG C 100 -27.78 -9.06 -22.05
C ARG C 100 -28.50 -7.73 -21.97
N ASN C 101 -29.81 -7.76 -22.19
CA ASN C 101 -30.57 -6.53 -22.22
C ASN C 101 -30.54 -5.82 -20.87
N ILE C 102 -30.73 -6.57 -19.79
CA ILE C 102 -30.65 -5.99 -18.47
C ILE C 102 -29.24 -5.52 -18.14
N LEU C 103 -28.27 -6.36 -18.44
CA LEU C 103 -26.85 -6.06 -18.24
C LEU C 103 -26.34 -4.95 -19.14
N GLY C 104 -26.79 -4.96 -20.39
CA GLY C 104 -26.22 -4.12 -21.41
C GLY C 104 -24.94 -4.80 -21.86
N GLY C 105 -24.06 -4.05 -22.51
CA GLY C 105 -22.78 -4.60 -22.91
C GLY C 105 -22.78 -5.28 -24.25
N THR C 106 -21.61 -5.73 -24.67
CA THR C 106 -21.39 -6.20 -26.02
C THR C 106 -20.77 -7.60 -26.03
N VAL C 107 -21.11 -8.40 -27.04
CA VAL C 107 -20.64 -9.77 -27.13
C VAL C 107 -19.44 -9.94 -28.03
N PHE C 108 -18.46 -10.69 -27.53
CA PHE C 108 -17.28 -11.00 -28.31
C PHE C 108 -17.17 -12.50 -28.50
N ARG C 109 -16.96 -12.92 -29.73
CA ARG C 109 -16.83 -14.33 -30.05
C ARG C 109 -15.42 -14.60 -30.56
N GLU C 110 -14.78 -15.59 -29.96
CA GLU C 110 -13.39 -15.91 -30.22
C GLU C 110 -13.34 -17.42 -30.40
N ALA C 111 -12.46 -17.97 -31.20
CA ALA C 111 -12.45 -19.43 -31.23
C ALA C 111 -11.16 -19.98 -30.68
N ILE C 112 -11.25 -20.88 -29.70
CA ILE C 112 -10.05 -21.44 -29.11
C ILE C 112 -9.32 -22.27 -30.15
N ILE C 113 -7.99 -22.18 -30.16
CA ILE C 113 -7.20 -22.74 -31.26
C ILE C 113 -6.18 -23.79 -30.84
N CYS C 114 -6.11 -24.86 -31.63
CA CYS C 114 -5.13 -25.90 -31.42
C CYS C 114 -4.18 -25.97 -32.60
N LYS C 115 -2.88 -26.02 -32.31
CA LYS C 115 -1.88 -26.10 -33.36
C LYS C 115 -2.05 -27.38 -34.13
N ASN C 116 -2.38 -28.46 -33.43
CA ASN C 116 -2.58 -29.74 -34.07
C ASN C 116 -3.77 -29.73 -35.03
N ILE C 117 -4.87 -29.11 -34.63
CA ILE C 117 -6.08 -29.11 -35.45
C ILE C 117 -6.01 -28.21 -36.69
N PRO C 118 -6.55 -28.73 -37.78
CA PRO C 118 -6.57 -28.00 -39.05
C PRO C 118 -7.58 -26.85 -39.06
N ARG C 119 -7.30 -25.82 -39.85
CA ARG C 119 -8.22 -24.71 -40.01
C ARG C 119 -8.43 -24.35 -41.48
N LEU C 120 -9.56 -23.74 -41.77
CA LEU C 120 -9.95 -23.41 -43.14
C LEU C 120 -8.97 -22.44 -43.79
N VAL C 121 -8.50 -21.46 -43.02
CA VAL C 121 -7.51 -20.53 -43.54
C VAL C 121 -6.16 -20.83 -42.87
N SER C 122 -5.15 -21.08 -43.67
CA SER C 122 -3.83 -21.50 -43.20
C SER C 122 -3.17 -20.44 -42.34
N GLY C 123 -3.36 -19.20 -42.72
CA GLY C 123 -2.70 -18.06 -42.11
C GLY C 123 -3.01 -17.85 -40.65
N TRP C 124 -4.20 -18.23 -40.23
CA TRP C 124 -4.72 -17.84 -38.93
C TRP C 124 -4.19 -18.71 -37.81
N VAL C 125 -3.00 -18.34 -37.33
CA VAL C 125 -2.40 -18.99 -36.17
C VAL C 125 -2.76 -18.26 -34.89
N LYS C 126 -3.46 -17.14 -35.03
CA LYS C 126 -3.84 -16.34 -33.87
C LYS C 126 -5.32 -16.03 -33.87
N PRO C 127 -5.88 -15.89 -32.68
CA PRO C 127 -7.33 -15.70 -32.53
C PRO C 127 -7.82 -14.41 -33.12
N ILE C 128 -8.99 -14.47 -33.76
CA ILE C 128 -9.70 -13.29 -34.20
C ILE C 128 -10.91 -13.18 -33.30
N ILE C 129 -11.06 -12.05 -32.63
CA ILE C 129 -12.19 -11.89 -31.72
C ILE C 129 -13.18 -10.92 -32.32
N ILE C 130 -14.42 -11.36 -32.46
CA ILE C 130 -15.42 -10.55 -33.11
C ILE C 130 -16.30 -9.88 -32.08
N GLY C 131 -16.42 -8.57 -32.21
CA GLY C 131 -17.26 -7.78 -31.32
C GLY C 131 -18.49 -7.36 -32.07
N HIS C 132 -19.65 -7.62 -31.48
CA HIS C 132 -20.91 -7.50 -32.19
C HIS C 132 -21.83 -6.46 -31.61
N HIS C 133 -22.36 -5.59 -32.46
CA HIS C 133 -23.30 -4.58 -32.02
C HIS C 133 -24.72 -5.15 -32.10
N ALA C 134 -25.24 -5.56 -30.96
CA ALA C 134 -26.55 -6.18 -30.86
C ALA C 134 -27.71 -5.27 -31.23
N TYR C 135 -27.64 -4.01 -30.79
CA TYR C 135 -28.66 -3.05 -31.15
C TYR C 135 -28.48 -2.87 -32.64
N GLY C 136 -29.55 -3.00 -33.39
CA GLY C 136 -29.41 -3.16 -34.82
C GLY C 136 -30.03 -2.10 -35.68
N ASP C 137 -29.24 -1.58 -36.61
CA ASP C 137 -29.73 -0.72 -37.68
C ASP C 137 -30.67 -1.48 -38.60
N GLN C 138 -30.25 -2.71 -38.91
CA GLN C 138 -31.07 -3.69 -39.62
C GLN C 138 -32.19 -4.33 -38.81
N TYR C 139 -31.87 -4.67 -37.57
CA TYR C 139 -32.70 -5.56 -36.78
C TYR C 139 -33.90 -4.94 -36.09
N ARG C 140 -33.93 -3.61 -36.06
CA ARG C 140 -35.10 -2.90 -35.63
C ARG C 140 -35.35 -1.84 -36.69
N ALA C 141 -35.75 -2.31 -37.86
CA ALA C 141 -35.88 -1.46 -39.03
C ALA C 141 -37.23 -1.66 -39.63
N THR C 142 -37.78 -0.61 -40.20
CA THR C 142 -39.07 -0.74 -40.82
C THR C 142 -38.89 -0.91 -42.30
N ASP C 143 -39.24 -2.09 -42.79
CA ASP C 143 -39.17 -2.38 -44.20
C ASP C 143 -40.55 -2.75 -44.70
N PHE C 144 -40.91 -2.23 -45.86
CA PHE C 144 -42.22 -2.49 -46.44
C PHE C 144 -42.16 -2.64 -47.94
N VAL C 145 -43.17 -3.28 -48.51
CA VAL C 145 -43.28 -3.42 -49.94
C VAL C 145 -43.99 -2.22 -50.51
N VAL C 146 -43.42 -1.63 -51.56
CA VAL C 146 -44.04 -0.49 -52.20
C VAL C 146 -44.87 -0.98 -53.37
N PRO C 147 -46.18 -0.91 -53.22
CA PRO C 147 -47.14 -1.49 -54.16
C PRO C 147 -47.15 -0.87 -55.55
N GLY C 148 -47.03 0.44 -55.60
CA GLY C 148 -47.31 1.19 -56.80
C GLY C 148 -46.59 2.51 -56.73
N PRO C 149 -46.69 3.30 -57.79
CA PRO C 149 -46.02 4.59 -57.85
C PRO C 149 -46.46 5.46 -56.70
N GLY C 150 -45.51 6.18 -56.12
CA GLY C 150 -45.76 7.00 -54.96
C GLY C 150 -44.49 7.60 -54.43
N LYS C 151 -44.58 8.26 -53.27
CA LYS C 151 -43.43 8.89 -52.66
C LYS C 151 -43.09 8.23 -51.34
N VAL C 152 -41.81 7.90 -51.17
CA VAL C 152 -41.33 7.45 -49.89
C VAL C 152 -40.47 8.56 -49.31
N GLU C 153 -40.80 8.98 -48.10
CA GLU C 153 -40.10 10.06 -47.44
C GLU C 153 -39.70 9.61 -46.06
N ILE C 154 -38.55 10.07 -45.60
CA ILE C 154 -38.15 9.85 -44.21
C ILE C 154 -38.08 11.20 -43.55
N THR C 155 -38.70 11.33 -42.38
CA THR C 155 -38.80 12.62 -41.73
C THR C 155 -38.33 12.56 -40.30
N TYR C 156 -37.75 13.65 -39.83
CA TYR C 156 -37.36 13.76 -38.44
C TYR C 156 -38.10 14.90 -37.77
N THR C 157 -38.72 14.64 -36.63
CA THR C 157 -39.40 15.67 -35.88
C THR C 157 -38.88 15.77 -34.45
N PRO C 158 -38.58 16.99 -34.04
CA PRO C 158 -38.11 17.26 -32.68
C PRO C 158 -39.25 17.13 -31.68
N SER C 159 -38.90 17.03 -30.40
CA SER C 159 -39.86 16.75 -29.36
C SER C 159 -40.96 17.80 -29.22
N ASP C 160 -40.60 19.06 -29.38
CA ASP C 160 -41.57 20.15 -29.33
C ASP C 160 -42.57 19.99 -30.46
N GLY C 161 -42.15 19.35 -31.52
CA GLY C 161 -43.01 19.13 -32.66
C GLY C 161 -42.94 20.26 -33.65
N THR C 162 -42.10 21.23 -33.33
CA THR C 162 -41.76 22.31 -34.25
C THR C 162 -40.66 21.90 -35.25
N GLN C 163 -40.59 22.59 -36.37
CA GLN C 163 -39.46 22.50 -37.29
C GLN C 163 -39.05 21.14 -37.83
N LYS C 164 -40.01 20.33 -38.28
CA LYS C 164 -39.72 19.00 -38.83
C LYS C 164 -38.95 19.00 -40.15
N VAL C 165 -38.10 17.98 -40.35
CA VAL C 165 -37.37 17.84 -41.61
C VAL C 165 -37.84 16.63 -42.40
N THR C 166 -38.14 16.84 -43.68
CA THR C 166 -38.60 15.77 -44.55
C THR C 166 -37.60 15.50 -45.67
N TYR C 167 -37.19 14.25 -45.79
CA TYR C 167 -36.25 13.85 -46.82
C TYR C 167 -36.97 12.94 -47.78
N LEU C 168 -36.80 13.18 -49.08
CA LEU C 168 -37.44 12.32 -50.06
C LEU C 168 -36.50 11.19 -50.41
N VAL C 169 -36.80 10.00 -49.91
CA VAL C 169 -35.98 8.84 -50.21
C VAL C 169 -36.03 8.43 -51.67
N HIS C 170 -37.24 8.35 -52.21
CA HIS C 170 -37.42 8.09 -53.63
C HIS C 170 -38.82 8.45 -54.10
N ASN C 171 -38.96 8.74 -55.39
CA ASN C 171 -40.27 8.89 -55.98
C ASN C 171 -40.41 7.82 -57.04
N PHE C 172 -41.37 6.93 -56.87
CA PHE C 172 -41.55 5.84 -57.80
C PHE C 172 -42.48 6.33 -58.88
N GLU C 173 -41.91 6.87 -59.95
CA GLU C 173 -42.72 7.35 -61.06
C GLU C 173 -43.46 6.20 -61.72
N GLU C 174 -42.77 5.10 -61.93
CA GLU C 174 -43.39 3.91 -62.50
C GLU C 174 -43.02 2.65 -61.74
N GLY C 175 -44.03 1.85 -61.41
CA GLY C 175 -43.82 0.53 -60.83
C GLY C 175 -43.59 0.45 -59.35
N GLY C 176 -43.46 -0.79 -58.88
CA GLY C 176 -43.21 -1.14 -57.50
C GLY C 176 -41.76 -1.07 -57.04
N GLY C 177 -41.60 -1.20 -55.73
CA GLY C 177 -40.30 -1.14 -55.10
C GLY C 177 -40.34 -1.73 -53.71
N VAL C 178 -39.24 -1.57 -53.00
CA VAL C 178 -39.18 -1.84 -51.57
C VAL C 178 -38.49 -0.68 -50.90
N ALA C 179 -38.86 -0.41 -49.66
CA ALA C 179 -38.25 0.68 -48.92
C ALA C 179 -38.00 0.27 -47.49
N MET C 180 -37.04 0.91 -46.84
CA MET C 180 -36.83 0.68 -45.42
C MET C 180 -36.29 1.90 -44.68
N GLY C 181 -36.56 1.94 -43.39
CA GLY C 181 -36.06 2.98 -42.50
C GLY C 181 -35.27 2.40 -41.37
N MET C 182 -34.11 2.97 -41.08
CA MET C 182 -33.22 2.43 -40.05
C MET C 182 -32.73 3.49 -39.07
N TYR C 183 -32.54 3.10 -37.81
CA TYR C 183 -32.06 4.03 -36.81
C TYR C 183 -31.00 3.43 -35.90
N ASN C 184 -30.15 4.29 -35.35
CA ASN C 184 -29.25 3.88 -34.28
C ASN C 184 -29.09 4.96 -33.22
N GLN C 185 -28.67 4.54 -32.03
CA GLN C 185 -28.61 5.44 -30.90
C GLN C 185 -27.18 5.77 -30.53
N ASP C 186 -26.92 7.03 -30.22
CA ASP C 186 -25.57 7.49 -29.91
C ASP C 186 -25.02 6.78 -28.69
N LYS C 187 -25.84 6.61 -27.67
CA LYS C 187 -25.40 5.97 -26.44
C LYS C 187 -24.99 4.53 -26.71
N SER C 188 -25.74 3.86 -27.56
CA SER C 188 -25.45 2.48 -27.88
C SER C 188 -24.09 2.34 -28.54
N ILE C 189 -23.79 3.23 -29.47
CA ILE C 189 -22.51 3.23 -30.15
C ILE C 189 -21.39 3.53 -29.18
N GLU C 190 -21.62 4.46 -28.28
CA GLU C 190 -20.64 4.80 -27.27
C GLU C 190 -20.41 3.60 -26.37
N ASP C 191 -21.49 2.94 -26.01
CA ASP C 191 -21.42 1.77 -25.16
C ASP C 191 -20.65 0.69 -25.86
N PHE C 192 -20.94 0.55 -27.15
CA PHE C 192 -20.30 -0.46 -27.97
C PHE C 192 -18.80 -0.20 -28.08
N ALA C 193 -18.44 1.07 -28.26
CA ALA C 193 -17.04 1.46 -28.34
C ALA C 193 -16.27 1.23 -27.05
N HIS C 194 -16.89 1.55 -25.92
CA HIS C 194 -16.22 1.40 -24.64
C HIS C 194 -15.90 -0.05 -24.35
N SER C 195 -16.83 -0.94 -24.66
CA SER C 195 -16.60 -2.35 -24.43
C SER C 195 -15.46 -2.89 -25.27
N SER C 196 -15.40 -2.49 -26.53
CA SER C 196 -14.35 -2.94 -27.42
C SER C 196 -12.98 -2.44 -26.98
N PHE C 197 -12.91 -1.18 -26.60
CA PHE C 197 -11.65 -0.60 -26.18
C PHE C 197 -11.16 -1.28 -24.92
N GLN C 198 -12.09 -1.49 -24.00
CA GLN C 198 -11.80 -2.19 -22.74
C GLN C 198 -11.39 -3.65 -22.97
N MET C 199 -12.04 -4.30 -23.92
CA MET C 199 -11.76 -5.69 -24.26
C MET C 199 -10.41 -5.87 -24.92
N ALA C 200 -10.07 -4.96 -25.83
CA ALA C 200 -8.82 -5.02 -26.55
C ALA C 200 -7.67 -4.88 -25.58
N LEU C 201 -7.83 -3.98 -24.62
CA LEU C 201 -6.83 -3.76 -23.59
C LEU C 201 -6.63 -4.99 -22.73
N SER C 202 -7.73 -5.66 -22.42
CA SER C 202 -7.69 -6.87 -21.62
C SER C 202 -6.94 -8.02 -22.29
N LYS C 203 -7.16 -8.20 -23.59
CA LYS C 203 -6.51 -9.28 -24.33
C LYS C 203 -5.18 -8.87 -24.95
N GLY C 204 -4.86 -7.60 -24.88
CA GLY C 204 -3.63 -7.11 -25.48
C GLY C 204 -3.56 -7.37 -26.97
N TRP C 205 -4.69 -7.16 -27.64
CA TRP C 205 -4.77 -7.31 -29.09
C TRP C 205 -5.26 -6.00 -29.68
N PRO C 206 -4.93 -5.75 -30.94
CA PRO C 206 -5.37 -4.54 -31.62
C PRO C 206 -6.87 -4.56 -31.93
N LEU C 207 -7.47 -3.38 -32.00
CA LEU C 207 -8.90 -3.27 -32.27
C LEU C 207 -9.19 -2.54 -33.56
N TYR C 208 -10.07 -3.12 -34.37
CA TYR C 208 -10.50 -2.51 -35.63
C TYR C 208 -12.02 -2.40 -35.69
N LEU C 209 -12.50 -1.31 -36.25
CA LEU C 209 -13.93 -1.10 -36.45
C LEU C 209 -14.24 -0.96 -37.92
N SER C 210 -15.25 -1.64 -38.38
CA SER C 210 -15.62 -1.62 -39.79
C SER C 210 -16.88 -0.81 -40.04
N THR C 211 -16.84 0.06 -41.00
CA THR C 211 -17.97 0.88 -41.42
C THR C 211 -17.79 1.22 -42.87
N LYS C 212 -18.79 1.82 -43.50
CA LYS C 212 -18.65 2.27 -44.86
C LYS C 212 -19.04 3.73 -44.90
N ASN C 213 -18.23 4.55 -44.25
CA ASN C 213 -18.46 5.97 -44.14
C ASN C 213 -18.41 6.63 -45.50
N THR C 214 -17.60 6.08 -46.39
CA THR C 214 -17.45 6.67 -47.70
C THR C 214 -18.76 6.69 -48.47
N ILE C 215 -19.49 5.57 -48.45
CA ILE C 215 -20.85 5.52 -48.97
C ILE C 215 -21.94 6.22 -48.15
N LEU C 216 -21.90 6.07 -46.84
CA LEU C 216 -22.96 6.53 -45.97
C LEU C 216 -22.31 7.37 -44.92
N LYS C 217 -21.91 8.57 -45.33
CA LYS C 217 -21.06 9.45 -44.54
C LYS C 217 -21.66 9.93 -43.23
N LYS C 218 -22.93 10.27 -43.23
CA LYS C 218 -23.59 10.68 -42.00
C LYS C 218 -23.90 9.56 -41.03
N TYR C 219 -24.47 8.47 -41.54
CA TYR C 219 -24.84 7.32 -40.72
C TYR C 219 -23.67 6.55 -40.14
N ASP C 220 -22.69 6.28 -40.98
CA ASP C 220 -21.53 5.49 -40.59
C ASP C 220 -20.42 6.36 -40.03
N GLY C 221 -20.54 7.66 -40.27
CA GLY C 221 -19.59 8.61 -39.74
C GLY C 221 -19.64 8.64 -38.23
N ARG C 222 -20.84 8.54 -37.69
CA ARG C 222 -21.03 8.59 -36.25
C ARG C 222 -20.33 7.44 -35.57
N PHE C 223 -20.42 6.25 -36.15
CA PHE C 223 -19.76 5.10 -35.56
C PHE C 223 -18.27 5.35 -35.57
N LYS C 224 -17.78 5.83 -36.70
CA LYS C 224 -16.38 6.13 -36.86
C LYS C 224 -15.94 7.29 -35.97
N ASP C 225 -16.76 8.33 -35.92
CA ASP C 225 -16.46 9.50 -35.10
C ASP C 225 -16.47 9.27 -33.59
N ILE C 226 -17.46 8.53 -33.12
CA ILE C 226 -17.56 8.23 -31.71
C ILE C 226 -16.39 7.36 -31.25
N PHE C 227 -16.02 6.40 -32.07
CA PHE C 227 -14.91 5.52 -31.74
C PHE C 227 -13.62 6.31 -31.65
N GLN C 228 -13.41 7.20 -32.61
CA GLN C 228 -12.24 8.06 -32.59
C GLN C 228 -12.26 9.01 -31.41
N GLU C 229 -13.41 9.62 -31.15
CA GLU C 229 -13.48 10.58 -30.08
C GLU C 229 -13.20 9.89 -28.75
N ILE C 230 -13.81 8.74 -28.53
CA ILE C 230 -13.61 8.02 -27.29
C ILE C 230 -12.19 7.52 -27.12
N TYR C 231 -11.60 7.02 -28.20
CA TYR C 231 -10.24 6.49 -28.16
C TYR C 231 -9.21 7.55 -27.84
N ASP C 232 -9.33 8.71 -28.49
CA ASP C 232 -8.36 9.78 -28.27
C ASP C 232 -8.42 10.34 -26.87
N LYS C 233 -9.63 10.57 -26.39
CA LYS C 233 -9.83 11.11 -25.05
C LYS C 233 -9.43 10.16 -23.93
N GLN C 234 -9.76 8.88 -24.06
CA GLN C 234 -9.56 7.95 -22.95
C GLN C 234 -8.62 6.77 -23.14
N TYR C 235 -8.49 6.26 -24.35
CA TYR C 235 -7.79 4.99 -24.52
C TYR C 235 -6.46 4.98 -25.28
N LYS C 236 -6.16 6.03 -26.01
CA LYS C 236 -5.04 5.96 -26.95
C LYS C 236 -3.71 5.69 -26.26
N SER C 237 -3.46 6.37 -25.16
CA SER C 237 -2.25 6.18 -24.40
C SER C 237 -2.17 4.78 -23.80
N GLN C 238 -3.28 4.28 -23.30
CA GLN C 238 -3.31 2.97 -22.68
C GLN C 238 -2.95 1.90 -23.68
N PHE C 239 -3.48 2.02 -24.89
CA PHE C 239 -3.21 1.08 -25.96
C PHE C 239 -1.75 1.11 -26.34
N GLU C 240 -1.19 2.31 -26.48
CA GLU C 240 0.18 2.46 -26.94
C GLU C 240 1.15 1.83 -25.96
N ALA C 241 0.84 1.96 -24.67
CA ALA C 241 1.64 1.37 -23.61
C ALA C 241 1.65 -0.14 -23.76
N GLN C 242 0.53 -0.68 -24.21
CA GLN C 242 0.37 -2.11 -24.36
C GLN C 242 0.88 -2.55 -25.71
N LYS C 243 1.43 -1.62 -26.47
CA LYS C 243 1.86 -1.87 -27.84
C LYS C 243 0.71 -2.34 -28.72
N ILE C 244 -0.38 -1.60 -28.62
CA ILE C 244 -1.63 -1.87 -29.30
C ILE C 244 -2.08 -0.59 -29.98
N TRP C 245 -2.99 -0.72 -30.94
CA TRP C 245 -3.59 0.44 -31.60
C TRP C 245 -5.04 0.15 -31.90
N TYR C 246 -5.80 1.19 -32.17
CA TYR C 246 -7.13 1.06 -32.72
C TYR C 246 -7.17 1.75 -34.06
N GLU C 247 -7.70 1.08 -35.06
CA GLU C 247 -7.84 1.67 -36.38
C GLU C 247 -9.21 1.40 -36.96
N HIS C 248 -9.64 2.26 -37.86
CA HIS C 248 -10.90 2.09 -38.56
C HIS C 248 -10.61 1.68 -39.98
N ARG C 249 -11.26 0.63 -40.44
CA ARG C 249 -11.09 0.16 -41.80
C ARG C 249 -12.42 0.00 -42.49
N LEU C 250 -12.44 0.31 -43.77
CA LEU C 250 -13.60 0.07 -44.60
C LEU C 250 -13.81 -1.43 -44.66
N ILE C 251 -15.06 -1.85 -44.64
CA ILE C 251 -15.37 -3.26 -44.50
C ILE C 251 -14.80 -4.06 -45.65
N ASP C 252 -14.86 -3.52 -46.86
CA ASP C 252 -14.28 -4.20 -48.00
C ASP C 252 -12.77 -4.30 -47.80
N ASP C 253 -12.18 -3.23 -47.29
CA ASP C 253 -10.76 -3.24 -46.97
C ASP C 253 -10.45 -4.25 -45.88
N MET C 254 -11.29 -4.29 -44.84
CA MET C 254 -11.06 -5.16 -43.71
C MET C 254 -11.11 -6.66 -43.99
N VAL C 255 -12.10 -7.10 -44.76
CA VAL C 255 -12.24 -8.54 -45.02
C VAL C 255 -11.04 -9.08 -45.78
N ALA C 256 -10.60 -8.33 -46.77
CA ALA C 256 -9.45 -8.75 -47.56
C ALA C 256 -8.23 -8.80 -46.67
N GLN C 257 -8.08 -7.79 -45.84
CA GLN C 257 -6.97 -7.72 -44.91
C GLN C 257 -7.01 -8.85 -43.90
N ALA C 258 -8.20 -9.17 -43.43
CA ALA C 258 -8.35 -10.21 -42.43
C ALA C 258 -7.93 -11.58 -42.96
N MET C 259 -8.34 -11.88 -44.19
CA MET C 259 -8.01 -13.16 -44.81
C MET C 259 -6.52 -13.32 -45.01
N LYS C 260 -5.87 -12.24 -45.44
CA LYS C 260 -4.44 -12.20 -45.63
C LYS C 260 -3.72 -12.42 -44.31
N SER C 261 -4.27 -11.84 -43.26
CA SER C 261 -3.61 -11.70 -41.98
C SER C 261 -3.39 -12.97 -41.18
N GLU C 262 -2.40 -12.88 -40.28
CA GLU C 262 -2.10 -13.90 -39.29
C GLU C 262 -3.20 -14.17 -38.27
N GLY C 263 -3.90 -13.13 -37.85
CA GLY C 263 -4.87 -13.27 -36.78
C GLY C 263 -4.44 -12.52 -35.54
N GLY C 264 -5.03 -12.86 -34.39
CA GLY C 264 -4.77 -12.15 -33.16
C GLY C 264 -5.11 -10.68 -33.11
N PHE C 265 -6.26 -10.31 -33.67
CA PHE C 265 -6.77 -8.96 -33.57
C PHE C 265 -8.23 -8.93 -33.19
N ILE C 266 -8.70 -7.81 -32.64
CA ILE C 266 -10.09 -7.68 -32.24
C ILE C 266 -10.85 -6.88 -33.26
N TRP C 267 -11.96 -7.43 -33.75
CA TRP C 267 -12.73 -6.80 -34.79
C TRP C 267 -14.09 -6.37 -34.27
N ALA C 268 -14.38 -5.08 -34.39
CA ALA C 268 -15.65 -4.56 -33.94
C ALA C 268 -16.53 -4.37 -35.14
N CYS C 269 -17.72 -4.95 -35.09
CA CYS C 269 -18.57 -5.05 -36.25
C CYS C 269 -19.90 -4.38 -36.01
N LYS C 270 -20.44 -3.80 -37.07
CA LYS C 270 -21.80 -3.29 -37.06
C LYS C 270 -22.68 -4.52 -37.03
N ASN C 271 -23.95 -4.36 -36.66
CA ASN C 271 -24.78 -5.51 -36.36
C ASN C 271 -24.93 -6.46 -37.56
N TYR C 272 -25.16 -5.91 -38.75
CA TYR C 272 -25.22 -6.75 -39.93
C TYR C 272 -23.88 -7.39 -40.29
N ASP C 273 -22.82 -6.58 -40.24
CA ASP C 273 -21.48 -7.05 -40.55
C ASP C 273 -21.03 -8.11 -39.59
N GLY C 274 -21.35 -7.90 -38.32
CA GLY C 274 -21.02 -8.85 -37.27
C GLY C 274 -21.70 -10.19 -37.41
N ASP C 275 -22.96 -10.19 -37.84
CA ASP C 275 -23.70 -11.43 -38.02
C ASP C 275 -23.08 -12.31 -39.08
N VAL C 276 -22.76 -11.72 -40.22
CA VAL C 276 -22.13 -12.48 -41.28
C VAL C 276 -20.78 -12.96 -40.79
N GLN C 277 -20.07 -12.08 -40.10
CA GLN C 277 -18.70 -12.33 -39.71
C GLN C 277 -18.55 -13.50 -38.76
N SER C 278 -19.43 -13.60 -37.79
CA SER C 278 -19.25 -14.61 -36.76
C SER C 278 -19.32 -16.01 -37.33
N ASP C 279 -20.32 -16.25 -38.17
CA ASP C 279 -20.47 -17.55 -38.81
C ASP C 279 -19.37 -17.86 -39.82
N SER C 280 -19.03 -16.87 -40.63
CA SER C 280 -17.98 -17.04 -41.62
C SER C 280 -16.63 -17.26 -40.95
N VAL C 281 -16.35 -16.49 -39.91
CA VAL C 281 -15.09 -16.60 -39.18
C VAL C 281 -14.95 -17.97 -38.53
N ALA C 282 -16.05 -18.46 -38.00
CA ALA C 282 -16.04 -19.75 -37.33
C ALA C 282 -15.65 -20.83 -38.34
N GLN C 283 -16.17 -20.73 -39.54
CA GLN C 283 -15.86 -21.69 -40.59
C GLN C 283 -14.39 -21.67 -40.99
N GLY C 284 -13.80 -20.49 -41.11
CA GLY C 284 -12.44 -20.40 -41.58
C GLY C 284 -11.44 -20.98 -40.61
N TYR C 285 -11.60 -20.64 -39.34
CA TYR C 285 -10.72 -21.13 -38.28
C TYR C 285 -10.78 -22.61 -38.03
N GLY C 286 -11.99 -23.14 -37.97
CA GLY C 286 -12.16 -24.51 -37.52
C GLY C 286 -13.58 -24.87 -37.12
N SER C 287 -13.70 -25.91 -36.30
CA SER C 287 -14.98 -26.43 -35.86
C SER C 287 -15.72 -25.48 -34.92
N LEU C 288 -17.05 -25.61 -34.90
CA LEU C 288 -17.94 -24.78 -34.10
C LEU C 288 -17.74 -24.91 -32.59
N GLY C 289 -17.43 -26.12 -32.13
CA GLY C 289 -17.36 -26.38 -30.70
C GLY C 289 -16.31 -25.54 -30.00
N MET C 290 -15.20 -25.33 -30.68
CA MET C 290 -14.08 -24.56 -30.13
C MET C 290 -14.38 -23.08 -29.83
N MET C 291 -15.19 -22.43 -30.67
CA MET C 291 -15.46 -21.00 -30.54
C MET C 291 -16.17 -20.62 -29.23
N THR C 292 -15.78 -19.48 -28.67
CA THR C 292 -16.28 -19.03 -27.37
C THR C 292 -16.93 -17.67 -27.42
N SER C 293 -17.95 -17.48 -26.60
CA SER C 293 -18.68 -16.20 -26.54
C SER C 293 -18.64 -15.58 -25.15
N VAL C 294 -18.32 -14.29 -25.11
CA VAL C 294 -18.24 -13.54 -23.85
C VAL C 294 -19.02 -12.24 -23.91
N LEU C 295 -19.63 -11.85 -22.80
CA LEU C 295 -20.38 -10.61 -22.76
C LEU C 295 -19.70 -9.60 -21.86
N VAL C 296 -19.53 -8.40 -22.37
CA VAL C 296 -18.75 -7.37 -21.70
C VAL C 296 -19.55 -6.09 -21.61
N CYS C 297 -19.19 -5.25 -20.65
CA CYS C 297 -19.88 -3.99 -20.42
C CYS C 297 -18.89 -2.85 -20.45
N PRO C 298 -19.37 -1.65 -20.74
CA PRO C 298 -18.48 -0.50 -20.92
C PRO C 298 -17.69 -0.22 -19.65
N ASP C 299 -18.34 -0.30 -18.49
CA ASP C 299 -17.61 -0.26 -17.24
C ASP C 299 -16.76 -1.50 -17.30
N GLY C 300 -15.51 -1.40 -16.87
CA GLY C 300 -14.58 -2.50 -17.04
C GLY C 300 -14.98 -3.77 -16.32
N LYS C 301 -15.50 -3.60 -15.11
CA LYS C 301 -15.64 -4.70 -14.16
C LYS C 301 -16.54 -5.88 -14.54
N THR C 302 -17.70 -5.63 -15.14
CA THR C 302 -18.65 -6.70 -15.38
C THR C 302 -18.36 -7.56 -16.61
N VAL C 303 -18.33 -8.87 -16.41
CA VAL C 303 -18.12 -9.83 -17.49
C VAL C 303 -19.09 -10.99 -17.42
N GLU C 304 -19.64 -11.41 -18.56
CA GLU C 304 -20.44 -12.62 -18.60
C GLU C 304 -19.90 -13.58 -19.65
N ALA C 305 -19.69 -14.84 -19.26
CA ALA C 305 -19.10 -15.82 -20.17
C ALA C 305 -20.04 -16.97 -20.47
N GLU C 306 -20.18 -17.30 -21.74
CA GLU C 306 -21.04 -18.38 -22.17
C GLU C 306 -20.38 -19.13 -23.31
N ALA C 307 -20.74 -20.40 -23.48
CA ALA C 307 -20.27 -21.14 -24.64
C ALA C 307 -20.93 -20.54 -25.87
N ALA C 308 -20.14 -20.33 -26.91
CA ALA C 308 -20.64 -19.70 -28.13
C ALA C 308 -21.70 -20.54 -28.80
N HIS C 309 -21.45 -21.84 -28.83
CA HIS C 309 -22.29 -22.79 -29.54
C HIS C 309 -23.62 -23.09 -28.86
N GLY C 310 -24.54 -23.64 -29.64
CA GLY C 310 -25.84 -24.03 -29.16
C GLY C 310 -25.76 -25.28 -28.31
N THR C 311 -26.88 -25.64 -27.69
CA THR C 311 -26.96 -26.75 -26.75
C THR C 311 -26.56 -28.09 -27.37
N VAL C 312 -26.88 -28.31 -28.63
CA VAL C 312 -26.61 -29.61 -29.24
C VAL C 312 -27.33 -30.74 -28.49
N THR C 313 -28.63 -30.54 -28.28
CA THR C 313 -29.49 -31.51 -27.62
C THR C 313 -29.58 -32.81 -28.43
N ARG C 314 -29.34 -32.70 -29.73
CA ARG C 314 -29.43 -33.85 -30.62
C ARG C 314 -28.45 -34.93 -30.18
N HIS C 315 -27.28 -34.49 -29.72
CA HIS C 315 -26.31 -35.41 -29.17
C HIS C 315 -26.92 -36.07 -27.95
N TYR C 316 -27.66 -35.27 -27.19
CA TYR C 316 -28.24 -35.73 -25.94
C TYR C 316 -29.20 -36.88 -26.15
N ARG C 317 -30.02 -36.79 -27.20
CA ARG C 317 -31.02 -37.80 -27.44
C ARG C 317 -30.22 -39.06 -27.59
N MET C 318 -29.07 -38.92 -28.26
CA MET C 318 -28.15 -40.02 -28.34
C MET C 318 -27.74 -40.38 -26.92
N TYR C 319 -27.50 -39.40 -26.07
CA TYR C 319 -27.12 -39.78 -24.72
C TYR C 319 -28.25 -40.55 -24.04
N GLN C 320 -29.49 -40.11 -24.25
CA GLN C 320 -30.66 -40.85 -23.80
C GLN C 320 -30.71 -42.18 -24.53
N LYS C 321 -30.36 -42.13 -25.82
CA LYS C 321 -30.32 -43.32 -26.65
C LYS C 321 -29.29 -44.32 -26.16
N GLY C 322 -28.13 -43.82 -25.75
CA GLY C 322 -27.04 -44.66 -25.30
C GLY C 322 -26.09 -44.88 -26.45
N GLN C 323 -24.97 -44.16 -26.44
CA GLN C 323 -24.00 -44.25 -27.53
C GLN C 323 -22.62 -43.78 -27.09
N GLU C 324 -21.61 -44.14 -27.87
CA GLU C 324 -20.28 -43.61 -27.64
C GLU C 324 -20.38 -42.11 -27.86
N THR C 325 -19.73 -41.33 -27.00
CA THR C 325 -19.92 -39.88 -27.04
C THR C 325 -18.67 -39.12 -27.44
N SER C 326 -18.81 -38.30 -28.47
CA SER C 326 -17.75 -37.42 -28.91
C SER C 326 -18.30 -36.02 -29.17
N THR C 327 -18.61 -35.29 -28.10
CA THR C 327 -19.06 -33.91 -28.23
C THR C 327 -18.08 -33.01 -27.51
N ASN C 328 -17.58 -31.98 -28.20
CA ASN C 328 -16.56 -31.13 -27.61
C ASN C 328 -17.07 -30.36 -26.41
N PRO C 329 -16.28 -30.37 -25.34
CA PRO C 329 -16.63 -29.66 -24.10
C PRO C 329 -15.78 -28.41 -23.90
N ILE C 330 -14.92 -28.11 -24.86
CA ILE C 330 -13.99 -27.01 -24.69
C ILE C 330 -14.69 -25.66 -24.54
N ALA C 331 -15.73 -25.45 -25.33
CA ALA C 331 -16.41 -24.16 -25.27
C ALA C 331 -16.99 -23.96 -23.88
N SER C 332 -17.64 -24.99 -23.35
CA SER C 332 -18.22 -24.89 -22.02
C SER C 332 -17.16 -24.71 -20.96
N ILE C 333 -16.09 -25.49 -21.05
CA ILE C 333 -15.00 -25.42 -20.08
C ILE C 333 -14.31 -24.07 -20.13
N PHE C 334 -14.05 -23.60 -21.35
CA PHE C 334 -13.40 -22.30 -21.53
C PHE C 334 -14.30 -21.20 -21.01
N ALA C 335 -15.59 -21.35 -21.24
CA ALA C 335 -16.55 -20.38 -20.76
C ALA C 335 -16.38 -20.26 -19.26
N TRP C 336 -16.16 -21.38 -18.59
CA TRP C 336 -15.82 -21.37 -17.18
C TRP C 336 -14.48 -20.68 -16.92
N THR C 337 -13.48 -20.99 -17.73
CA THR C 337 -12.15 -20.48 -17.49
C THR C 337 -12.15 -18.97 -17.60
N ARG C 338 -12.88 -18.46 -18.57
CA ARG C 338 -12.96 -17.03 -18.80
C ARG C 338 -13.56 -16.31 -17.61
N GLY C 339 -14.60 -16.88 -17.02
CA GLY C 339 -15.23 -16.26 -15.87
C GLY C 339 -14.31 -16.16 -14.68
N LEU C 340 -13.58 -17.22 -14.43
CA LEU C 340 -12.64 -17.26 -13.31
C LEU C 340 -11.51 -16.26 -13.48
N ALA C 341 -10.99 -16.16 -14.70
CA ALA C 341 -9.85 -15.28 -14.96
C ALA C 341 -10.19 -13.80 -14.77
N HIS C 342 -11.33 -13.39 -15.26
CA HIS C 342 -11.79 -12.05 -15.02
C HIS C 342 -12.06 -11.84 -13.52
N ARG C 343 -12.65 -12.83 -12.88
CA ARG C 343 -12.93 -12.76 -11.46
C ARG C 343 -11.63 -12.64 -10.69
N ALA C 344 -10.62 -13.40 -11.10
CA ALA C 344 -9.32 -13.33 -10.47
C ALA C 344 -8.68 -11.96 -10.63
N LYS C 345 -8.80 -11.41 -11.83
CA LYS C 345 -8.19 -10.13 -12.13
C LYS C 345 -8.78 -9.03 -11.27
N LEU C 346 -10.09 -9.04 -11.09
CA LEU C 346 -10.73 -8.07 -10.22
C LEU C 346 -10.23 -8.28 -8.81
N ASP C 347 -10.18 -9.56 -8.43
CA ASP C 347 -9.66 -9.97 -7.13
C ASP C 347 -8.16 -9.71 -6.94
N ASN C 348 -7.39 -9.88 -8.00
CA ASN C 348 -5.95 -9.82 -7.87
C ASN C 348 -5.52 -11.10 -7.20
N ASN C 349 -6.37 -12.11 -7.32
CA ASN C 349 -6.14 -13.39 -6.67
C ASN C 349 -4.84 -14.03 -7.12
N LYS C 350 -4.55 -13.96 -8.41
CA LYS C 350 -3.29 -14.48 -8.92
C LYS C 350 -3.29 -15.99 -8.86
N GLU C 351 -3.48 -16.52 -7.66
CA GLU C 351 -3.53 -17.96 -7.47
C GLU C 351 -4.71 -18.55 -8.23
N LEU C 352 -5.87 -17.90 -8.13
CA LEU C 352 -7.04 -18.30 -8.88
C LEU C 352 -6.77 -18.13 -10.37
N ALA C 353 -6.05 -17.07 -10.70
CA ALA C 353 -5.72 -16.78 -12.08
C ALA C 353 -4.89 -17.90 -12.65
N PHE C 354 -3.98 -18.43 -11.84
CA PHE C 354 -3.12 -19.49 -12.32
C PHE C 354 -3.90 -20.74 -12.70
N PHE C 355 -4.89 -21.08 -11.89
CA PHE C 355 -5.68 -22.27 -12.15
C PHE C 355 -6.42 -22.14 -13.46
N ALA C 356 -6.96 -20.95 -13.73
CA ALA C 356 -7.77 -20.75 -14.91
C ALA C 356 -6.94 -20.97 -16.16
N ASN C 357 -5.74 -20.41 -16.18
CA ASN C 357 -4.87 -20.53 -17.34
C ASN C 357 -4.45 -21.98 -17.58
N ALA C 358 -4.14 -22.67 -16.50
CA ALA C 358 -3.72 -24.05 -16.61
C ALA C 358 -4.84 -24.88 -17.22
N LEU C 359 -6.07 -24.60 -16.80
CA LEU C 359 -7.20 -25.37 -17.28
C LEU C 359 -7.33 -25.18 -18.78
N GLU C 360 -7.19 -23.95 -19.24
CA GLU C 360 -7.15 -23.70 -20.67
C GLU C 360 -5.94 -24.35 -21.26
N GLU C 361 -4.82 -24.15 -20.59
CA GLU C 361 -3.55 -24.64 -21.11
C GLU C 361 -3.63 -26.15 -21.31
N VAL C 362 -4.27 -26.83 -20.36
CA VAL C 362 -4.36 -28.27 -20.42
C VAL C 362 -5.14 -28.72 -21.65
N SER C 363 -6.24 -28.03 -21.93
CA SER C 363 -7.10 -28.40 -23.04
C SER C 363 -6.40 -28.29 -24.38
N ILE C 364 -5.65 -27.21 -24.57
CA ILE C 364 -4.94 -27.00 -25.82
C ILE C 364 -3.91 -28.11 -26.01
N GLU C 365 -3.25 -28.47 -24.92
CA GLU C 365 -2.17 -29.45 -24.99
C GLU C 365 -2.67 -30.80 -25.47
N THR C 366 -3.85 -31.20 -25.01
CA THR C 366 -4.39 -32.49 -25.37
C THR C 366 -4.69 -32.70 -26.86
N ILE C 367 -5.30 -31.71 -27.51
CA ILE C 367 -5.52 -31.79 -28.94
C ILE C 367 -4.19 -31.77 -29.65
N GLU C 368 -3.30 -30.92 -29.16
CA GLU C 368 -1.92 -30.89 -29.61
C GLU C 368 -1.32 -32.25 -29.26
N ALA C 369 -1.78 -32.79 -28.14
CA ALA C 369 -1.48 -34.15 -27.73
C ALA C 369 -2.06 -35.10 -28.76
N GLY C 370 -3.15 -34.66 -29.39
CA GLY C 370 -3.83 -35.45 -30.40
C GLY C 370 -4.99 -36.29 -29.90
N PHE C 371 -5.37 -36.10 -28.64
CA PHE C 371 -6.55 -36.76 -28.11
C PHE C 371 -7.69 -35.75 -28.09
N MET C 372 -8.76 -36.07 -28.81
CA MET C 372 -9.83 -35.12 -29.03
C MET C 372 -11.15 -35.76 -29.43
N THR C 373 -12.21 -34.96 -29.38
CA THR C 373 -13.55 -35.37 -29.81
C THR C 373 -13.60 -35.64 -31.31
N LYS C 374 -14.46 -36.57 -31.70
CA LYS C 374 -14.48 -37.05 -33.09
C LYS C 374 -14.82 -35.94 -34.08
N ASP C 375 -15.78 -35.10 -33.72
CA ASP C 375 -16.17 -33.99 -34.59
C ASP C 375 -15.00 -33.04 -34.77
N LEU C 376 -14.29 -32.77 -33.69
CA LEU C 376 -13.03 -32.07 -33.76
C LEU C 376 -12.06 -32.97 -34.53
N ALA C 377 -12.15 -34.26 -34.22
CA ALA C 377 -11.30 -35.30 -34.79
C ALA C 377 -11.47 -35.41 -36.30
N ALA C 378 -12.70 -35.25 -36.77
CA ALA C 378 -13.01 -35.44 -38.18
C ALA C 378 -12.20 -34.47 -39.02
N CYS C 379 -12.07 -33.24 -38.54
CA CYS C 379 -11.31 -32.24 -39.26
C CYS C 379 -9.86 -32.67 -39.39
N ILE C 380 -9.30 -33.21 -38.31
CA ILE C 380 -7.91 -33.64 -38.31
C ILE C 380 -7.62 -34.77 -39.30
N LYS C 381 -8.51 -35.76 -39.34
CA LYS C 381 -8.34 -36.90 -40.24
C LYS C 381 -9.26 -36.90 -41.46
N GLY C 382 -10.28 -36.04 -41.42
CA GLY C 382 -11.33 -36.01 -42.42
C GLY C 382 -12.48 -36.89 -41.96
N LEU C 383 -13.70 -36.54 -42.37
CA LEU C 383 -14.87 -37.20 -41.81
C LEU C 383 -14.94 -38.70 -42.12
N PRO C 384 -14.69 -39.04 -43.39
CA PRO C 384 -14.68 -40.45 -43.79
C PRO C 384 -13.56 -41.24 -43.12
N ASN C 385 -12.38 -40.61 -43.07
CA ASN C 385 -11.15 -41.24 -42.60
C ASN C 385 -11.13 -41.65 -41.13
N VAL C 386 -11.69 -40.80 -40.27
CA VAL C 386 -11.68 -41.04 -38.84
C VAL C 386 -12.49 -42.25 -38.40
N GLN C 387 -12.02 -42.92 -37.35
CA GLN C 387 -12.71 -44.09 -36.79
C GLN C 387 -12.87 -43.91 -35.29
N ARG C 388 -13.85 -44.61 -34.71
CA ARG C 388 -14.29 -44.37 -33.34
C ARG C 388 -13.16 -44.56 -32.33
N SER C 389 -12.31 -45.55 -32.57
CA SER C 389 -11.15 -45.79 -31.72
C SER C 389 -10.26 -44.57 -31.76
N ASP C 390 -10.19 -43.96 -32.94
CA ASP C 390 -9.38 -42.76 -33.17
C ASP C 390 -9.82 -41.58 -32.30
N TYR C 391 -11.13 -41.42 -32.13
CA TYR C 391 -11.65 -40.31 -31.34
C TYR C 391 -12.13 -40.78 -29.97
N LEU C 392 -11.62 -40.13 -28.93
CA LEU C 392 -11.91 -40.52 -27.56
C LEU C 392 -13.32 -40.20 -27.13
N ASN C 393 -13.73 -40.88 -26.07
CA ASN C 393 -14.97 -40.53 -25.41
C ASN C 393 -14.96 -39.15 -24.75
N THR C 394 -16.12 -38.53 -25.00
CA THR C 394 -16.54 -37.26 -24.44
C THR C 394 -16.63 -37.54 -22.98
N PHE C 395 -17.25 -38.65 -22.61
CA PHE C 395 -17.26 -39.06 -21.21
C PHE C 395 -15.84 -39.38 -20.80
N GLU C 396 -15.13 -40.07 -21.68
CA GLU C 396 -13.75 -40.44 -21.46
C GLU C 396 -12.78 -39.24 -21.39
N PHE C 397 -12.97 -38.26 -22.28
CA PHE C 397 -12.08 -37.14 -22.49
C PHE C 397 -12.08 -36.28 -21.25
N MET C 398 -13.25 -36.10 -20.67
CA MET C 398 -13.36 -35.31 -19.46
C MET C 398 -12.53 -36.02 -18.39
N ASP C 399 -12.58 -37.34 -18.39
CA ASP C 399 -11.79 -38.14 -17.48
C ASP C 399 -10.30 -37.93 -17.73
N LYS C 400 -9.91 -37.83 -19.00
CA LYS C 400 -8.52 -37.59 -19.34
C LYS C 400 -8.03 -36.26 -18.81
N LEU C 401 -8.88 -35.24 -18.92
CA LEU C 401 -8.49 -33.89 -18.54
C LEU C 401 -8.13 -33.82 -17.07
N GLY C 402 -8.92 -34.49 -16.23
CA GLY C 402 -8.63 -34.53 -14.82
C GLY C 402 -7.21 -34.98 -14.61
N GLU C 403 -6.90 -36.16 -15.14
CA GLU C 403 -5.56 -36.72 -15.01
C GLU C 403 -4.48 -35.89 -15.71
N ASN C 404 -4.77 -35.45 -16.93
CA ASN C 404 -3.82 -34.61 -17.64
C ASN C 404 -3.65 -33.31 -16.88
N LEU C 405 -4.78 -32.79 -16.41
CA LEU C 405 -4.82 -31.61 -15.58
C LEU C 405 -4.13 -31.83 -14.26
N LYS C 406 -4.33 -33.00 -13.69
CA LYS C 406 -3.89 -33.30 -12.34
C LYS C 406 -2.38 -33.19 -12.16
N ILE C 407 -1.64 -33.70 -13.14
CA ILE C 407 -0.19 -33.64 -13.07
C ILE C 407 0.33 -32.21 -13.11
N LYS C 408 -0.28 -31.40 -13.97
CA LYS C 408 0.17 -30.03 -14.17
C LYS C 408 0.02 -29.21 -12.91
N LEU C 409 -1.09 -29.38 -12.21
CA LEU C 409 -1.26 -28.72 -10.94
C LEU C 409 -0.17 -29.23 -10.01
N ALA C 410 0.01 -30.54 -10.02
CA ALA C 410 1.03 -31.17 -9.21
C ALA C 410 2.41 -30.75 -9.64
N GLN C 411 2.63 -30.70 -10.95
CA GLN C 411 3.97 -30.55 -11.52
C GLN C 411 4.65 -29.26 -11.13
N ALA C 412 3.90 -28.17 -11.10
CA ALA C 412 4.51 -26.86 -10.90
C ALA C 412 5.22 -26.78 -9.56
N LYS C 413 4.59 -27.32 -8.51
CA LYS C 413 5.19 -27.29 -7.18
C LYS C 413 6.58 -27.90 -7.21
PA NDP D . -6.08 -0.10 26.16
O1A NDP D . -4.78 -0.81 26.08
O2A NDP D . -7.13 -0.53 27.12
O5B NDP D . -6.75 -0.08 24.72
C5B NDP D . -7.81 0.83 24.50
C4B NDP D . -8.46 0.57 23.15
O4B NDP D . -7.61 -0.27 22.39
C3B NDP D . -9.79 -0.14 23.26
O3B NDP D . -10.90 0.76 23.24
C2B NDP D . -9.83 -0.96 22.00
O2B NDP D . -10.23 -0.11 20.94
C1B NDP D . -8.38 -1.32 21.79
N9A NDP D . -8.03 -2.57 22.48
C8A NDP D . -7.01 -2.74 23.31
N7A NDP D . -6.95 -3.99 23.77
C5A NDP D . -7.95 -4.68 23.23
C6A NDP D . -8.47 -6.05 23.29
N6A NDP D . -7.88 -6.99 24.06
N1A NDP D . -9.55 -6.36 22.56
C2A NDP D . -10.16 -5.44 21.80
N3A NDP D . -9.74 -4.17 21.69
C4A NDP D . -8.67 -3.73 22.37
O3 NDP D . -5.78 1.46 26.33
PN NDP D . -6.38 2.40 27.49
O1N NDP D . -5.50 3.60 27.58
O2N NDP D . -7.84 2.59 27.24
O5D NDP D . -6.17 1.52 28.81
C5D NDP D . -6.85 1.83 30.01
C4D NDP D . -6.04 1.36 31.19
O4D NDP D . -5.06 0.44 30.76
C3D NDP D . -5.27 2.51 31.82
O3D NDP D . -5.47 2.46 33.23
C2D NDP D . -3.82 2.20 31.59
O2D NDP D . -3.08 2.60 32.72
C1D NDP D . -3.84 0.69 31.44
N1N NDP D . -2.70 0.20 30.69
C2N NDP D . -2.10 -0.91 31.12
C3N NDP D . -1.02 -1.46 30.47
C7N NDP D . -0.39 -2.70 31.01
O7N NDP D . -0.30 -2.85 32.21
N7N NDP D . 0.03 -3.63 30.17
C4N NDP D . -0.45 -0.83 29.22
C5N NDP D . -1.20 0.36 28.85
C6N NDP D . -2.29 0.82 29.60
P2B NDP D . -11.69 0.50 20.79
O1X NDP D . -11.58 1.87 21.36
O2X NDP D . -12.59 -0.40 21.55
O3X NDP D . -11.91 0.47 19.30
MG MG E . 12.62 -17.88 13.33
MG MG F . -27.54 -0.58 32.18
C10 9UO G . 8.41 6.79 12.58
C10 9UO G . 8.65 6.29 12.84
C13 9UO G . 9.46 9.89 14.48
C13 9UO G . 11.32 6.83 15.48
C15 9UO G . 10.73 8.00 15.17
C15 9UO G . 10.23 8.88 14.94
C21 9UO G . 5.53 6.41 8.75
C21 9UO G . 5.76 6.44 9.00
C22 9UO G . 5.91 6.67 7.30
C22 9UO G . 6.32 6.82 7.64
C01 9UO G . 6.07 1.64 12.45
C01 9UO G . 5.75 1.36 12.12
C02 9UO G . 6.80 2.45 11.39
C02 9UO G . 6.65 2.22 11.26
C03 9UO G . 7.47 1.48 10.41
C03 9UO G . 7.42 1.33 10.30
C08 9UO G . 7.78 4.71 11.86
C08 9UO G . 7.73 4.37 12.03
C11 9UO G . 9.14 7.71 13.55
C11 9UO G . 9.55 6.98 13.86
C12 9UO G . 8.81 9.05 13.60
C12 9UO G . 10.48 6.23 14.56
C14 9UO G . 10.46 9.35 15.28
C14 9UO G . 11.18 8.19 15.67
C19 9UO G . 7.11 6.56 10.72
C19 9UO G . 7.22 6.36 11.06
C23 9UO G . 4.09 6.85 8.98
C23 9UO G . 4.29 6.85 9.06
F04 9UO G . 7.33 1.96 9.15
F04 9UO G . 7.30 1.82 9.03
F05 9UO G . 6.88 0.26 10.50
F05 9UO G . 6.93 0.07 10.35
F06 9UO G . 8.79 1.36 10.72
F06 9UO G . 8.74 1.32 10.65
F24 9UO G . 3.52 6.06 9.93
F24 9UO G . 3.63 6.06 9.95
F25 9UO G . 3.39 6.76 7.82
F25 9UO G . 3.73 6.71 7.83
F26 9UO G . 4.07 8.14 9.41
F26 9UO G . 4.19 8.16 9.45
N07 9UO G . 7.81 3.27 12.03
N07 9UO G . 7.60 2.92 12.10
N09 9UO G . 8.42 5.47 12.72
N09 9UO G . 8.50 4.99 12.88
N17 9UO G . 10.08 7.22 14.33
N17 9UO G . 9.45 8.27 14.07
N18 9UO G . 7.75 7.32 11.56
N18 9UO G . 8.00 6.98 11.92
N20 9UO G . 6.40 7.18 9.61
N20 9UO G . 6.50 7.12 10.04
N27 9UO G . 7.13 5.25 10.85
N27 9UO G . 7.09 5.05 11.11
CL1 9UO G . 11.99 7.28 16.20
CL1 9UO G . 10.04 10.63 15.19
PA NDP H . 20.01 10.06 -4.56
O1A NDP H . 18.96 10.97 -4.03
O2A NDP H . 20.82 10.46 -5.74
O5B NDP H . 19.31 8.69 -4.90
C5B NDP H . 19.83 7.51 -4.33
C4B NDP H . 19.04 6.31 -4.79
O4B NDP H . 17.66 6.62 -4.77
C3B NDP H . 19.35 5.93 -6.23
O3B NDP H . 20.36 4.93 -6.29
C2B NDP H . 18.05 5.37 -6.72
O2B NDP H . 17.97 4.03 -6.25
C1B NDP H . 17.01 6.15 -5.95
N9A NDP H . 16.60 7.32 -6.75
C8A NDP H . 16.76 8.60 -6.43
N7A NDP H . 16.26 9.41 -7.38
C5A NDP H . 15.76 8.63 -8.34
C6A NDP H . 15.08 8.83 -9.63
N6A NDP H . 14.84 10.08 -10.10
N1A NDP H . 14.72 7.75 -10.33
C2A NDP H . 14.95 6.51 -9.88
N3A NDP H . 15.56 6.25 -8.72
C4A NDP H . 15.98 7.25 -7.92
O3 NDP H . 20.93 9.63 -3.34
PN NDP H . 22.53 9.64 -3.30
O1N NDP H . 22.91 9.46 -1.87
O2N NDP H . 23.08 8.71 -4.34
O5D NDP H . 22.94 11.11 -3.73
C5D NDP H . 24.03 11.31 -4.61
C4D NDP H . 24.37 12.79 -4.62
O4D NDP H . 23.16 13.53 -4.54
C3D NDP H . 25.18 13.16 -3.39
O3D NDP H . 26.18 14.10 -3.77
C2D NDP H . 24.20 13.90 -2.51
O2D NDP H . 24.89 14.87 -1.74
C1D NDP H . 23.32 14.54 -3.54
N1N NDP H . 22.04 14.92 -2.94
C2N NDP H . 21.51 16.07 -3.33
C3N NDP H . 20.31 16.51 -2.80
C7N NDP H . 19.75 17.81 -3.28
O7N NDP H . 20.46 18.60 -3.86
N7N NDP H . 18.48 18.07 -3.04
C4N NDP H . 19.57 15.71 -1.77
C5N NDP H . 20.27 14.48 -1.44
C6N NDP H . 21.47 14.15 -2.03
P2B NDP H . 18.57 2.78 -7.04
O1X NDP H . 19.96 2.69 -6.51
O2X NDP H . 18.45 3.15 -8.48
O3X NDP H . 17.68 1.65 -6.64
C10 9UO I . -17.47 -11.39 -45.66
C13 9UO I . -19.30 -8.49 -44.03
C15 9UO I . -20.41 -9.19 -46.02
C21 9UO I . -14.96 -14.12 -48.69
C22 9UO I . -14.04 -13.86 -49.88
C01 9UO I . -13.92 -15.30 -42.78
C02 9UO I . -14.12 -14.20 -43.80
C03 9UO I . -13.15 -13.05 -43.50
C08 9UO I . -16.05 -12.98 -44.85
C11 9UO I . -18.50 -10.29 -45.41
C12 9UO I . -18.37 -9.48 -44.28
C14 9UO I . -20.35 -8.34 -44.94
C19 9UO I . -16.20 -12.62 -47.10
C23 9UO I . -15.84 -15.32 -49.00
F04 9UO I . -11.89 -13.42 -43.84
F05 9UO I . -13.21 -12.76 -42.18
F06 9UO I . -13.53 -11.95 -44.22
F24 9UO I . -16.94 -15.29 -48.19
F25 9UO I . -15.15 -16.47 -48.78
F26 9UO I . -16.24 -15.26 -50.30
N07 9UO I . -15.48 -13.71 -43.73
N09 9UO I . -16.95 -12.04 -44.64
N17 9UO I . -19.51 -10.13 -46.23
N18 9UO I . -17.10 -11.68 -46.89
N20 9UO I . -15.78 -12.96 -48.45
N27 9UO I . -15.68 -13.27 -46.09
CL1 9UO I . -21.75 -9.01 -47.18
#